data_4D52
#
_entry.id   4D52
#
_cell.length_a   80.030
_cell.length_b   70.440
_cell.length_c   117.800
_cell.angle_alpha   90.00
_cell.angle_beta   108.34
_cell.angle_gamma   90.00
#
_symmetry.space_group_name_H-M   'P 1 21 1'
#
loop_
_entity.id
_entity.type
_entity.pdbx_description
1 polymer 'FUCOSE-SPECIFIC LECTIN FLEA'
2 polymer 'FUCOSE-SPECIFIC LECTIN FLEA'
3 polymer 'FUCOSE-SPECIFIC LECTIN FLEA'
4 non-polymer alpha-L-galactopyranose
5 non-polymer beta-L-galactopyranose
6 non-polymer DI(HYDROXYETHYL)ETHER
7 non-polymer 'TETRAETHYLENE GLYCOL'
8 non-polymer 'ZINC ION'
9 non-polymer 'SODIUM ION'
10 non-polymer 'TRIETHYLENE GLYCOL'
11 water water
#
loop_
_entity_poly.entity_id
_entity_poly.type
_entity_poly.pdbx_seq_one_letter_code
_entity_poly.pdbx_strand_id
1 'polypeptide(L)'
;MSTPGAQQVLFRTGIAAVNSTNHLRVYFQDVYGSIRESLYEGSWANGTEKNVIGNAKLGSPVAATSKELKHIRVYTLTEG
NTLQEFAYDSGTGWYNGGLGGAKFQVAPYSCIAAVFLAGTDALQLRIYAQKPDNTIQEYMWNGDGWKEGTNLGGALPGTG
IGATSFRYTDYNGPSIRIWFQTDDLKLVQRAYDPHKGWYPDLVTIFDRAPPRTAIAATSFGAGNSSIYMRIYFVNSDNTI
WQVCWDHGKGYHDKGTITPVIQGSEVAIISWGSFANNGPDLRLYFQNGTYISAVSEWVWNRAHGSQLGRSALPPA
;
A
2 'polypeptide(L)'
;MSTPGAQQVLFRTGIAAVNSTNHLRVYFQDVYGSIRESLYEGSWANGTEKNVIGNAKLGSPVAATSKELKHIRVYTLTEG
NTLQEFAYDSGTGWYNGGLGGAKFQVAPYS(CSD)IAAVFLAGTDALQLRIYAQKPDNTIQEYMWNGDGWKEGTNLGGAL
PGTGIGATSFRYTDYNGPSIRIWFQTDDLKLVQRAYDPHKGWYPDLVTIFDRAPPRTAIAATSFGAGNSSIYMRIYFVNS
DNTIWQVCWDHGKGYHDKGTITPVIQGSEVAIISWGSFANNGPDLRLYFQNGTYISAVSEWVWNRAHGSQLGRSALPPA
;
B,D
3 'polypeptide(L)'
;MSTPGAQQVLFRTGIAAVNSTNHLRVYFQDVYGSIRESLYEGSWANGTEKNVIGNAKLGSPVAATSKELKHIRVYTLTEG
NTLQEFAYDSGTGWYNGGLGGAKFQVAPYS(CSD)IAAVFLAGTDALQLRIYAQKPDNTIQEYMWNGDGWKEGTNLGGAL
PGTGIGATSFRYTDYNGPSIRIWFQTDDLKLVQRAYDPHKGWYPDLVTIFDRAPPRTAIAATSFGAGNSSIYMRIYFVNS
DNTIWQV(CSD)WDHGKGYHDKGTITPVIQGSEVAIISWGSFANNGPDLRLYFQNGTYISAVSEWVWNRAHGSQLGRSAL
PPA
;
C
#
# COMPACT_ATOMS: atom_id res chain seq x y z
N SER A 2 -23.16 -5.67 -34.50
CA SER A 2 -23.27 -5.84 -33.02
C SER A 2 -24.75 -5.85 -32.62
N THR A 3 -25.02 -5.71 -31.33
CA THR A 3 -26.40 -5.53 -30.83
C THR A 3 -26.30 -4.43 -29.80
N PRO A 4 -27.42 -3.73 -29.53
CA PRO A 4 -27.40 -2.71 -28.49
C PRO A 4 -26.90 -3.25 -27.17
N GLY A 5 -27.25 -4.49 -26.82
CA GLY A 5 -26.82 -5.05 -25.57
C GLY A 5 -25.33 -5.31 -25.56
N ALA A 6 -24.81 -5.88 -26.62
CA ALA A 6 -23.39 -6.19 -26.71
C ALA A 6 -22.54 -4.92 -26.63
N GLN A 7 -23.08 -3.83 -27.16
CA GLN A 7 -22.40 -2.54 -27.17
C GLN A 7 -22.21 -1.95 -25.78
N GLN A 8 -22.98 -2.45 -24.80
CA GLN A 8 -22.87 -2.00 -23.45
C GLN A 8 -21.70 -2.65 -22.72
N VAL A 9 -21.13 -3.73 -23.28
CA VAL A 9 -20.03 -4.47 -22.67
C VAL A 9 -18.70 -3.80 -23.02
N LEU A 10 -17.91 -3.47 -22.00
CA LEU A 10 -16.60 -2.88 -22.21
C LEU A 10 -15.66 -3.83 -22.95
N PHE A 11 -15.03 -3.32 -24.00
CA PHE A 11 -14.04 -4.09 -24.78
C PHE A 11 -12.84 -4.35 -23.87
N ARG A 12 -12.45 -5.62 -23.77
CA ARG A 12 -11.37 -6.06 -22.85
C ARG A 12 -11.77 -5.92 -21.39
N THR A 13 -13.07 -5.98 -21.12
CA THR A 13 -13.57 -6.02 -19.75
C THR A 13 -12.91 -7.09 -18.90
N GLY A 14 -12.67 -6.76 -17.62
CA GLY A 14 -12.44 -7.79 -16.62
C GLY A 14 -13.62 -8.76 -16.62
N ILE A 15 -13.36 -10.04 -16.41
CA ILE A 15 -14.42 -11.05 -16.33
C ILE A 15 -14.18 -11.95 -15.11
N ALA A 16 -15.22 -12.20 -14.34
CA ALA A 16 -15.16 -13.17 -13.27
C ALA A 16 -16.38 -14.05 -13.31
N ALA A 17 -16.22 -15.26 -12.81
CA ALA A 17 -17.35 -16.18 -12.71
C ALA A 17 -17.35 -16.99 -11.44
N VAL A 18 -18.57 -17.26 -10.96
CA VAL A 18 -18.80 -18.17 -9.84
C VAL A 18 -19.93 -19.14 -10.15
N ASN A 19 -20.05 -20.17 -9.32
CA ASN A 19 -21.02 -21.22 -9.55
C ASN A 19 -21.26 -22.10 -8.34
N SER A 20 -22.46 -22.66 -8.32
CA SER A 20 -22.78 -23.84 -7.53
C SER A 20 -23.24 -24.85 -8.57
N THR A 21 -22.45 -25.90 -8.76
CA THR A 21 -22.56 -26.78 -9.90
C THR A 21 -22.93 -26.02 -11.18
N ASN A 22 -24.09 -26.31 -11.78
CA ASN A 22 -24.45 -25.71 -13.07
C ASN A 22 -25.30 -24.44 -12.96
N HIS A 23 -25.27 -23.82 -11.79
CA HIS A 23 -25.93 -22.55 -11.51
C HIS A 23 -24.80 -21.54 -11.55
N LEU A 24 -24.85 -20.65 -12.53
CA LEU A 24 -23.68 -19.84 -12.91
C LEU A 24 -23.94 -18.34 -12.75
N ARG A 25 -22.91 -17.61 -12.36
CA ARG A 25 -22.95 -16.14 -12.39
C ARG A 25 -21.68 -15.63 -13.08
N VAL A 26 -21.82 -14.62 -13.95
CA VAL A 26 -20.69 -14.04 -14.65
C VAL A 26 -20.74 -12.52 -14.44
N TYR A 27 -19.60 -11.94 -14.06
CA TYR A 27 -19.45 -10.52 -13.77
C TYR A 27 -18.55 -9.89 -14.82
N PHE A 28 -18.93 -8.70 -15.26
CA PHE A 28 -18.19 -7.95 -16.23
C PHE A 28 -18.44 -6.48 -15.99
N GLN A 29 -17.71 -5.66 -16.72
CA GLN A 29 -17.85 -4.21 -16.61
C GLN A 29 -18.49 -3.65 -17.87
N ASP A 30 -19.43 -2.72 -17.68
CA ASP A 30 -20.04 -2.03 -18.78
C ASP A 30 -19.25 -0.77 -19.16
N VAL A 31 -19.62 -0.18 -20.29
CA VAL A 31 -18.90 0.99 -20.81
C VAL A 31 -18.89 2.21 -19.89
N TYR A 32 -19.81 2.24 -18.92
CA TYR A 32 -19.90 3.34 -17.95
C TYR A 32 -19.12 3.05 -16.68
N GLY A 33 -18.55 1.86 -16.56
CA GLY A 33 -17.77 1.50 -15.38
C GLY A 33 -18.52 0.67 -14.36
N SER A 34 -19.82 0.46 -14.59
CA SER A 34 -20.62 -0.36 -13.64
C SER A 34 -20.29 -1.83 -13.79
N ILE A 35 -20.32 -2.54 -12.67
CA ILE A 35 -20.11 -3.98 -12.64
C ILE A 35 -21.47 -4.65 -12.70
N ARG A 36 -21.65 -5.53 -13.68
CA ARG A 36 -22.94 -6.17 -13.93
C ARG A 36 -22.84 -7.68 -13.77
N GLU A 37 -24.00 -8.29 -13.51
CA GLU A 37 -24.09 -9.73 -13.31
C GLU A 37 -25.03 -10.32 -14.34
N SER A 38 -24.52 -11.27 -15.11
CA SER A 38 -25.33 -12.18 -15.92
C SER A 38 -25.45 -13.52 -15.21
N LEU A 39 -26.50 -14.27 -15.50
CA LEU A 39 -26.70 -15.51 -14.77
C LEU A 39 -27.24 -16.62 -15.65
N TYR A 40 -26.95 -17.84 -15.23
CA TYR A 40 -27.49 -19.05 -15.86
C TYR A 40 -28.18 -19.85 -14.79
N GLU A 41 -29.50 -19.95 -14.94
CA GLU A 41 -30.36 -20.76 -14.11
C GLU A 41 -31.31 -21.48 -15.06
N GLY A 42 -30.79 -22.54 -15.69
CA GLY A 42 -31.52 -23.28 -16.73
C GLY A 42 -31.53 -22.60 -18.07
N SER A 43 -31.31 -21.29 -18.09
CA SER A 43 -31.09 -20.51 -19.29
C SER A 43 -30.38 -19.21 -18.86
N TRP A 44 -29.86 -18.49 -19.83
CA TRP A 44 -29.12 -17.26 -19.55
C TRP A 44 -30.02 -16.06 -19.40
N ALA A 45 -29.73 -15.19 -18.43
CA ALA A 45 -30.50 -13.94 -18.22
C ALA A 45 -29.61 -12.81 -17.67
N ASN A 46 -30.19 -11.61 -17.66
CA ASN A 46 -29.69 -10.46 -16.87
C ASN A 46 -28.56 -9.75 -17.59
N GLY A 47 -27.53 -9.29 -16.88
CA GLY A 47 -26.50 -8.48 -17.50
C GLY A 47 -26.91 -7.09 -17.97
N THR A 48 -28.08 -6.62 -17.55
CA THR A 48 -28.55 -5.31 -18.00
C THR A 48 -28.19 -4.22 -16.97
N GLU A 49 -28.61 -2.99 -17.24
CA GLU A 49 -28.33 -1.87 -16.33
C GLU A 49 -29.07 -2.06 -15.02
N LYS A 50 -30.07 -2.93 -15.00
CA LYS A 50 -30.74 -3.24 -13.75
C LYS A 50 -29.98 -4.32 -12.94
N ASN A 51 -28.90 -4.86 -13.50
CA ASN A 51 -28.17 -5.91 -12.82
C ASN A 51 -26.80 -5.42 -12.37
N VAL A 52 -26.75 -4.14 -11.99
CA VAL A 52 -25.53 -3.51 -11.54
C VAL A 52 -25.34 -3.75 -10.04
N ILE A 53 -24.18 -4.28 -9.68
CA ILE A 53 -23.85 -4.57 -8.27
C ILE A 53 -22.90 -3.52 -7.66
N GLY A 54 -22.44 -2.58 -8.47
CA GLY A 54 -21.54 -1.53 -7.97
C GLY A 54 -20.82 -0.88 -9.13
N ASN A 55 -19.93 0.05 -8.81
CA ASN A 55 -19.14 0.76 -9.83
C ASN A 55 -17.67 0.65 -9.51
N ALA A 56 -16.83 0.62 -10.54
CA ALA A 56 -15.39 0.51 -10.35
C ALA A 56 -14.73 1.42 -11.37
N LYS A 57 -13.45 1.69 -11.18
CA LYS A 57 -12.70 2.46 -12.16
C LYS A 57 -12.81 1.79 -13.53
N LEU A 58 -12.88 2.59 -14.59
CA LEU A 58 -12.89 2.02 -15.93
C LEU A 58 -11.65 1.20 -16.19
N GLY A 59 -11.83 -0.01 -16.71
CA GLY A 59 -10.71 -0.89 -16.95
C GLY A 59 -10.32 -1.74 -15.75
N SER A 60 -11.09 -1.66 -14.66
CA SER A 60 -10.76 -2.38 -13.44
C SER A 60 -10.60 -3.90 -13.62
N PRO A 61 -9.72 -4.53 -12.85
CA PRO A 61 -9.81 -5.98 -12.79
C PRO A 61 -11.16 -6.35 -12.13
N VAL A 62 -11.63 -7.56 -12.39
CA VAL A 62 -12.85 -8.05 -11.78
C VAL A 62 -12.56 -9.48 -11.37
N ALA A 63 -12.64 -9.75 -10.06
CA ALA A 63 -12.43 -11.10 -9.53
C ALA A 63 -13.62 -11.47 -8.69
N ALA A 64 -13.90 -12.77 -8.57
CA ALA A 64 -15.02 -13.18 -7.75
C ALA A 64 -14.84 -14.58 -7.23
N THR A 65 -15.44 -14.85 -6.07
CA THR A 65 -15.40 -16.16 -5.48
C THR A 65 -16.72 -16.35 -4.70
N SER A 66 -17.02 -17.61 -4.40
CA SER A 66 -18.28 -17.94 -3.78
C SER A 66 -18.21 -19.19 -2.95
N LYS A 67 -19.15 -19.26 -2.02
CA LYS A 67 -19.54 -20.49 -1.37
C LYS A 67 -20.90 -20.87 -1.96
N GLU A 68 -20.89 -21.88 -2.83
CA GLU A 68 -22.03 -22.18 -3.69
C GLU A 68 -22.51 -20.85 -4.27
N LEU A 69 -23.83 -20.57 -4.26
CA LEU A 69 -24.32 -19.22 -4.54
C LEU A 69 -25.00 -18.60 -3.32
N LYS A 70 -24.64 -19.08 -2.13
CA LYS A 70 -25.14 -18.54 -0.87
C LYS A 70 -24.38 -17.28 -0.44
N HIS A 71 -23.09 -17.29 -0.72
CA HIS A 71 -22.19 -16.18 -0.41
C HIS A 71 -21.34 -15.88 -1.64
N ILE A 72 -21.47 -14.69 -2.21
CA ILE A 72 -20.65 -14.31 -3.35
C ILE A 72 -19.89 -13.03 -2.99
N ARG A 73 -18.62 -12.95 -3.40
CA ARG A 73 -17.81 -11.74 -3.18
C ARG A 73 -17.11 -11.34 -4.48
N VAL A 74 -17.28 -10.08 -4.92
CA VAL A 74 -16.71 -9.62 -6.20
C VAL A 74 -15.75 -8.46 -5.89
N TYR A 75 -14.52 -8.54 -6.40
CA TYR A 75 -13.46 -7.58 -6.06
C TYR A 75 -13.03 -6.80 -7.27
N THR A 76 -12.92 -5.48 -7.09
CA THR A 76 -12.58 -4.53 -8.13
C THR A 76 -11.77 -3.41 -7.50
N LEU A 77 -11.29 -2.49 -8.33
CA LEU A 77 -10.64 -1.27 -7.86
C LEU A 77 -11.55 -0.04 -7.97
N THR A 78 -11.52 0.77 -6.93
CA THR A 78 -12.15 2.08 -6.98
C THR A 78 -11.36 3.03 -7.90
N GLU A 79 -11.93 4.21 -8.11
CA GLU A 79 -11.22 5.28 -8.84
C GLU A 79 -9.92 5.66 -8.14
N GLY A 80 -9.90 5.49 -6.83
CA GLY A 80 -8.73 5.76 -5.98
C GLY A 80 -7.73 4.63 -5.90
N ASN A 81 -7.92 3.62 -6.73
CA ASN A 81 -7.07 2.45 -6.76
C ASN A 81 -6.99 1.71 -5.45
N THR A 82 -8.13 1.67 -4.76
CA THR A 82 -8.25 0.89 -3.56
C THR A 82 -9.12 -0.34 -3.82
N LEU A 83 -8.79 -1.42 -3.12
CA LEU A 83 -9.59 -2.66 -3.21
C LEU A 83 -10.97 -2.45 -2.61
N GLN A 84 -11.98 -2.91 -3.34
CA GLN A 84 -13.33 -2.90 -2.81
C GLN A 84 -14.01 -4.25 -3.06
N GLU A 85 -15.14 -4.44 -2.41
CA GLU A 85 -15.80 -5.74 -2.37
C GLU A 85 -17.31 -5.52 -2.47
N PHE A 86 -17.94 -6.14 -3.46
CA PHE A 86 -19.38 -6.19 -3.55
C PHE A 86 -19.79 -7.57 -3.04
N ALA A 87 -20.62 -7.60 -2.04
CA ALA A 87 -20.93 -8.86 -1.34
C ALA A 87 -22.39 -9.20 -1.47
N TYR A 88 -22.66 -10.49 -1.66
CA TYR A 88 -24.02 -11.04 -1.68
C TYR A 88 -24.09 -12.16 -0.66
N ASP A 89 -25.07 -12.07 0.25
CA ASP A 89 -25.47 -13.22 1.05
C ASP A 89 -26.97 -13.53 0.85
N SER A 90 -27.30 -14.82 0.79
CA SER A 90 -28.70 -15.22 0.75
C SER A 90 -29.43 -14.65 1.95
N GLY A 91 -30.55 -14.00 1.68
CA GLY A 91 -31.35 -13.43 2.76
C GLY A 91 -31.03 -11.97 3.03
N THR A 92 -29.90 -11.48 2.51
CA THR A 92 -29.49 -10.09 2.66
C THR A 92 -29.50 -9.36 1.31
N GLY A 93 -29.02 -10.03 0.27
CA GLY A 93 -28.87 -9.38 -1.02
C GLY A 93 -27.49 -8.77 -1.13
N TRP A 94 -27.35 -7.82 -2.05
CA TRP A 94 -26.06 -7.18 -2.36
C TRP A 94 -25.80 -5.98 -1.47
N TYR A 95 -24.54 -5.82 -1.08
CA TYR A 95 -24.12 -4.72 -0.24
C TYR A 95 -22.62 -4.47 -0.41
N ASN A 96 -22.16 -3.34 0.11
CA ASN A 96 -20.76 -2.99 0.01
C ASN A 96 -20.05 -3.70 1.15
N GLY A 97 -19.13 -4.58 0.79
CA GLY A 97 -18.43 -5.38 1.77
C GLY A 97 -17.39 -4.62 2.56
N GLY A 98 -17.04 -5.19 3.70
CA GLY A 98 -16.13 -4.56 4.65
C GLY A 98 -14.69 -4.34 4.17
N LEU A 99 -14.24 -5.03 3.12
CA LEU A 99 -12.93 -4.78 2.56
C LEU A 99 -12.71 -3.30 2.24
N GLY A 100 -13.73 -2.62 1.72
CA GLY A 100 -13.63 -1.20 1.38
C GLY A 100 -13.27 -0.29 2.56
N GLY A 101 -13.70 -0.66 3.77
CA GLY A 101 -13.38 0.12 4.96
C GLY A 101 -11.89 0.26 5.20
N ALA A 102 -11.12 -0.75 4.80
CA ALA A 102 -9.68 -0.72 4.97
C ALA A 102 -8.99 0.19 3.93
N LYS A 103 -9.67 0.44 2.80
CA LYS A 103 -9.18 1.31 1.74
C LYS A 103 -7.75 1.03 1.31
N PHE A 104 -7.42 -0.24 1.11
CA PHE A 104 -6.08 -0.65 0.67
C PHE A 104 -5.77 -0.16 -0.75
N GLN A 105 -4.87 0.81 -0.88
CA GLN A 105 -4.34 1.19 -2.19
C GLN A 105 -3.40 0.12 -2.72
N VAL A 106 -3.55 -0.18 -4.01
CA VAL A 106 -2.65 -1.07 -4.74
C VAL A 106 -2.13 -0.34 -5.98
N ALA A 107 -1.26 -0.99 -6.76
CA ALA A 107 -0.81 -0.42 -8.03
C ALA A 107 -2.02 -0.16 -8.92
N PRO A 108 -2.05 0.97 -9.64
CA PRO A 108 -3.20 1.25 -10.53
C PRO A 108 -3.42 0.17 -11.59
N TYR A 109 -2.34 -0.54 -11.95
CA TYR A 109 -2.39 -1.59 -12.97
C TYR A 109 -2.54 -2.98 -12.34
N SER A 110 -2.85 -3.05 -11.07
CA SER A 110 -2.95 -4.31 -10.38
C SER A 110 -4.11 -5.15 -10.90
N CYS A 111 -3.90 -6.46 -11.00
N CYS A 111 -3.90 -6.45 -10.98
CA CYS A 111 -5.01 -7.40 -11.15
CA CYS A 111 -5.01 -7.38 -11.14
C CYS A 111 -5.44 -7.86 -9.75
C CYS A 111 -5.43 -7.88 -9.75
N ILE A 112 -6.43 -8.74 -9.70
CA ILE A 112 -6.95 -9.25 -8.44
C ILE A 112 -7.33 -10.71 -8.64
N ALA A 113 -7.03 -11.55 -7.66
CA ALA A 113 -7.60 -12.88 -7.56
C ALA A 113 -8.19 -13.05 -6.17
N ALA A 114 -9.20 -13.90 -6.04
CA ALA A 114 -9.87 -14.11 -4.78
C ALA A 114 -10.36 -15.55 -4.62
N VAL A 115 -10.18 -16.08 -3.42
CA VAL A 115 -10.72 -17.39 -3.05
C VAL A 115 -11.34 -17.39 -1.68
N PHE A 116 -12.48 -18.07 -1.53
CA PHE A 116 -12.84 -18.67 -0.21
C PHE A 116 -11.97 -19.90 0.02
N LEU A 117 -11.40 -20.03 1.21
CA LEU A 117 -10.58 -21.19 1.51
C LEU A 117 -11.47 -22.40 1.59
N ALA A 118 -10.97 -23.49 1.04
CA ALA A 118 -11.72 -24.75 0.94
C ALA A 118 -11.79 -25.50 2.25
N GLY A 119 -12.97 -26.05 2.52
CA GLY A 119 -13.18 -27.02 3.59
C GLY A 119 -13.04 -26.53 5.03
N THR A 120 -13.00 -25.21 5.22
CA THR A 120 -12.84 -24.61 6.54
C THR A 120 -14.17 -24.59 7.27
N ASP A 121 -14.12 -24.38 8.58
CA ASP A 121 -15.32 -24.46 9.43
C ASP A 121 -16.15 -23.18 9.30
N ALA A 122 -15.47 -22.04 9.11
CA ALA A 122 -16.11 -20.75 8.90
C ALA A 122 -15.57 -20.11 7.62
N LEU A 123 -16.26 -19.09 7.13
CA LEU A 123 -15.89 -18.41 5.89
C LEU A 123 -14.55 -17.66 6.04
N GLN A 124 -13.57 -18.03 5.22
CA GLN A 124 -12.26 -17.37 5.19
C GLN A 124 -11.93 -17.02 3.77
N LEU A 125 -11.41 -15.81 3.57
CA LEU A 125 -11.11 -15.26 2.25
C LEU A 125 -9.64 -14.92 2.17
N ARG A 126 -9.06 -15.17 1.01
CA ARG A 126 -7.74 -14.66 0.63
C ARG A 126 -7.88 -13.97 -0.70
N ILE A 127 -7.47 -12.70 -0.75
CA ILE A 127 -7.45 -11.88 -1.95
C ILE A 127 -6.00 -11.57 -2.27
N TYR A 128 -5.68 -11.55 -3.56
CA TYR A 128 -4.31 -11.32 -4.05
C TYR A 128 -4.32 -10.15 -5.02
N ALA A 129 -3.41 -9.20 -4.81
CA ALA A 129 -3.30 -8.03 -5.66
C ALA A 129 -1.83 -7.61 -5.64
N GLN A 130 -1.49 -6.63 -6.48
CA GLN A 130 -0.10 -6.23 -6.67
C GLN A 130 0.04 -4.81 -6.16
N LYS A 131 0.97 -4.62 -5.24
CA LYS A 131 1.26 -3.32 -4.64
C LYS A 131 2.12 -2.44 -5.53
N PRO A 132 2.25 -1.16 -5.15
CA PRO A 132 3.04 -0.30 -6.03
C PRO A 132 4.51 -0.73 -6.17
N ASP A 133 5.03 -1.52 -5.23
CA ASP A 133 6.37 -2.10 -5.35
C ASP A 133 6.43 -3.35 -6.21
N ASN A 134 5.31 -3.68 -6.85
CA ASN A 134 5.15 -4.80 -7.77
C ASN A 134 5.17 -6.17 -7.13
N THR A 135 5.17 -6.20 -5.80
CA THR A 135 5.01 -7.49 -5.10
C THR A 135 3.55 -7.91 -5.08
N ILE A 136 3.34 -9.22 -5.01
CA ILE A 136 2.01 -9.78 -4.86
C ILE A 136 1.69 -9.92 -3.38
N GLN A 137 0.63 -9.26 -2.95
CA GLN A 137 0.26 -9.23 -1.56
C GLN A 137 -1.02 -10.02 -1.37
N GLU A 138 -1.05 -10.81 -0.31
CA GLU A 138 -2.24 -11.49 0.17
C GLU A 138 -2.95 -10.62 1.21
N TYR A 139 -4.27 -10.51 1.10
CA TYR A 139 -5.14 -9.84 2.05
C TYR A 139 -6.12 -10.87 2.59
N MET A 140 -6.34 -10.89 3.89
CA MET A 140 -7.06 -11.97 4.54
C MET A 140 -8.29 -11.50 5.27
N TRP A 141 -9.32 -12.34 5.23
CA TRP A 141 -10.45 -12.19 6.13
C TRP A 141 -10.61 -13.49 6.88
N ASN A 142 -10.47 -13.43 8.20
CA ASN A 142 -10.63 -14.60 9.06
C ASN A 142 -11.66 -14.37 10.13
N GLY A 143 -12.67 -13.58 9.81
CA GLY A 143 -13.81 -13.36 10.70
C GLY A 143 -13.71 -12.17 11.64
N ASP A 144 -12.61 -11.43 11.58
CA ASP A 144 -12.36 -10.35 12.54
C ASP A 144 -11.55 -9.22 11.90
N GLY A 145 -12.03 -8.75 10.75
CA GLY A 145 -11.43 -7.64 10.03
C GLY A 145 -10.46 -8.06 8.93
N TRP A 146 -10.29 -7.20 7.94
CA TRP A 146 -9.32 -7.41 6.89
C TRP A 146 -7.91 -7.05 7.32
N LYS A 147 -6.95 -7.92 6.99
CA LYS A 147 -5.56 -7.74 7.38
C LYS A 147 -4.69 -8.20 6.23
N GLU A 148 -3.56 -7.54 6.03
CA GLU A 148 -2.51 -8.10 5.16
C GLU A 148 -1.99 -9.44 5.69
N GLY A 149 -1.95 -10.42 4.80
CA GLY A 149 -1.34 -11.71 5.09
C GLY A 149 0.05 -11.78 4.49
N THR A 150 0.38 -12.91 3.89
CA THR A 150 1.72 -13.14 3.36
C THR A 150 2.02 -12.40 2.04
N ASN A 151 3.19 -11.75 2.01
CA ASN A 151 3.68 -11.16 0.77
C ASN A 151 4.41 -12.22 -0.03
N LEU A 152 4.04 -12.35 -1.31
CA LEU A 152 4.54 -13.45 -2.13
C LEU A 152 5.65 -13.03 -3.10
N GLY A 153 6.15 -11.82 -2.93
CA GLY A 153 7.33 -11.38 -3.69
C GLY A 153 7.00 -10.77 -5.04
N GLY A 154 8.05 -10.46 -5.79
CA GLY A 154 7.91 -9.65 -6.99
C GLY A 154 7.27 -10.36 -8.17
N ALA A 155 6.57 -9.58 -8.98
CA ALA A 155 6.02 -10.08 -10.23
C ALA A 155 6.07 -8.97 -11.27
N LEU A 156 5.83 -9.34 -12.52
CA LEU A 156 5.78 -8.38 -13.63
C LEU A 156 4.74 -7.30 -13.30
N PRO A 157 5.08 -6.01 -13.45
CA PRO A 157 4.03 -5.03 -13.17
C PRO A 157 2.83 -5.18 -14.10
N GLY A 158 1.67 -5.40 -13.50
CA GLY A 158 0.43 -5.54 -14.25
C GLY A 158 0.08 -6.99 -14.57
N THR A 159 0.82 -7.92 -13.97
CA THR A 159 0.59 -9.34 -14.16
C THR A 159 -0.86 -9.74 -13.92
N GLY A 160 -1.34 -10.70 -14.72
CA GLY A 160 -2.55 -11.46 -14.36
C GLY A 160 -2.31 -12.26 -13.08
N ILE A 161 -3.38 -12.57 -12.34
CA ILE A 161 -3.23 -13.37 -11.14
C ILE A 161 -4.39 -14.38 -11.15
N GLY A 162 -4.07 -15.66 -11.11
CA GLY A 162 -5.06 -16.72 -10.94
C GLY A 162 -4.88 -17.34 -9.57
N ALA A 163 -5.96 -17.85 -9.00
CA ALA A 163 -5.88 -18.48 -7.70
C ALA A 163 -6.96 -19.53 -7.54
N THR A 164 -6.66 -20.57 -6.76
CA THR A 164 -7.64 -21.57 -6.39
C THR A 164 -7.31 -22.10 -5.00
N SER A 165 -8.34 -22.58 -4.27
CA SER A 165 -8.15 -23.26 -2.99
C SER A 165 -8.89 -24.61 -3.04
N PHE A 166 -8.27 -25.62 -2.46
CA PHE A 166 -8.88 -26.94 -2.35
C PHE A 166 -8.38 -27.54 -1.05
N ARG A 167 -9.07 -28.58 -0.56
CA ARG A 167 -8.67 -29.23 0.66
C ARG A 167 -8.44 -30.71 0.41
N TYR A 168 -7.19 -31.13 0.50
CA TYR A 168 -6.88 -32.55 0.45
C TYR A 168 -7.63 -33.23 1.60
N THR A 169 -8.28 -34.36 1.31
CA THR A 169 -9.11 -35.02 2.31
C THR A 169 -8.29 -35.70 3.43
N ASP A 170 -6.99 -35.86 3.21
CA ASP A 170 -6.09 -36.40 4.24
C ASP A 170 -5.33 -35.33 5.03
N TYR A 171 -5.65 -34.04 4.81
CA TYR A 171 -5.11 -32.96 5.62
C TYR A 171 -6.24 -32.26 6.39
N ASN A 172 -5.87 -31.45 7.38
CA ASN A 172 -6.86 -30.76 8.20
C ASN A 172 -6.97 -29.26 7.94
N GLY A 173 -6.50 -28.81 6.79
CA GLY A 173 -6.57 -27.40 6.47
C GLY A 173 -6.46 -27.21 4.98
N PRO A 174 -6.73 -25.99 4.50
CA PRO A 174 -6.78 -25.71 3.08
C PRO A 174 -5.42 -25.51 2.43
N SER A 175 -5.39 -25.81 1.13
CA SER A 175 -4.27 -25.52 0.27
C SER A 175 -4.66 -24.37 -0.66
N ILE A 176 -3.65 -23.64 -1.13
CA ILE A 176 -3.84 -22.53 -2.04
C ILE A 176 -2.81 -22.70 -3.12
N ARG A 177 -3.22 -22.45 -4.35
CA ARG A 177 -2.31 -22.28 -5.47
C ARG A 177 -2.61 -20.95 -6.18
N ILE A 178 -1.55 -20.20 -6.49
CA ILE A 178 -1.68 -18.97 -7.21
C ILE A 178 -0.72 -18.98 -8.39
N TRP A 179 -1.09 -18.25 -9.44
CA TRP A 179 -0.29 -18.18 -10.63
C TRP A 179 -0.17 -16.73 -11.08
N PHE A 180 1.01 -16.37 -11.55
CA PHE A 180 1.27 -15.02 -12.02
C PHE A 180 2.49 -15.03 -12.92
N GLN A 181 2.81 -13.84 -13.44
CA GLN A 181 3.86 -13.67 -14.43
C GLN A 181 5.03 -12.90 -13.79
N THR A 182 6.24 -13.40 -14.00
CA THR A 182 7.44 -12.74 -13.48
C THR A 182 8.12 -11.88 -14.55
N ASP A 183 9.10 -11.11 -14.13
CA ASP A 183 9.72 -10.11 -15.05
C ASP A 183 10.34 -10.78 -16.27
N ASP A 184 10.80 -12.02 -16.12
CA ASP A 184 11.33 -12.77 -17.28
C ASP A 184 10.25 -13.22 -18.27
N LEU A 185 8.97 -12.91 -17.99
CA LEU A 185 7.81 -13.20 -18.85
C LEU A 185 7.28 -14.65 -18.72
N LYS A 186 7.94 -15.46 -17.90
CA LYS A 186 7.45 -16.80 -17.55
C LYS A 186 6.18 -16.69 -16.75
N LEU A 187 5.31 -17.70 -16.88
CA LEU A 187 4.20 -17.87 -15.96
C LEU A 187 4.59 -18.90 -14.90
N VAL A 188 4.28 -18.59 -13.65
CA VAL A 188 4.74 -19.40 -12.53
C VAL A 188 3.63 -19.62 -11.53
N GLN A 189 3.83 -20.66 -10.74
CA GLN A 189 2.95 -21.00 -9.65
C GLN A 189 3.67 -20.80 -8.32
N ARG A 190 2.92 -20.28 -7.35
CA ARG A 190 3.28 -20.42 -5.95
C ARG A 190 2.24 -21.25 -5.22
N ALA A 191 2.66 -21.85 -4.11
CA ALA A 191 1.85 -22.89 -3.44
C ALA A 191 1.91 -22.81 -1.92
N TYR A 192 0.74 -22.99 -1.33
CA TYR A 192 0.55 -23.07 0.10
C TYR A 192 -0.09 -24.42 0.42
N ASP A 193 0.52 -25.19 1.32
CA ASP A 193 -0.10 -26.40 1.89
C ASP A 193 -0.04 -26.27 3.41
N PRO A 194 -1.00 -26.87 4.11
CA PRO A 194 -1.17 -26.64 5.55
C PRO A 194 0.01 -27.15 6.39
N HIS A 195 0.71 -28.15 5.88
CA HIS A 195 1.84 -28.74 6.59
C HIS A 195 3.19 -28.13 6.20
N LYS A 196 3.21 -27.25 5.20
CA LYS A 196 4.44 -26.61 4.74
C LYS A 196 4.43 -25.09 4.77
N GLY A 197 3.27 -24.44 4.88
CA GLY A 197 3.15 -23.02 4.64
C GLY A 197 3.34 -22.74 3.15
N TRP A 198 3.84 -21.55 2.80
CA TRP A 198 4.21 -21.28 1.41
C TRP A 198 5.50 -21.98 1.08
N TYR A 199 5.50 -22.74 0.00
CA TYR A 199 6.72 -23.32 -0.49
C TYR A 199 7.61 -22.16 -0.97
N PRO A 200 8.94 -22.28 -0.80
CA PRO A 200 9.80 -21.14 -1.16
C PRO A 200 9.99 -20.94 -2.66
N ASP A 201 9.74 -21.97 -3.49
CA ASP A 201 10.09 -21.90 -4.90
C ASP A 201 8.93 -21.60 -5.86
N LEU A 202 9.27 -20.99 -6.99
CA LEU A 202 8.36 -20.79 -8.10
C LEU A 202 8.41 -21.99 -8.99
N VAL A 203 7.26 -22.44 -9.46
CA VAL A 203 7.16 -23.55 -10.40
C VAL A 203 6.68 -23.00 -11.73
N THR A 204 7.49 -23.20 -12.78
CA THR A 204 7.16 -22.69 -14.11
C THR A 204 6.09 -23.53 -14.79
N ILE A 205 5.03 -22.86 -15.22
CA ILE A 205 3.98 -23.48 -16.04
C ILE A 205 4.02 -23.09 -17.51
N PHE A 206 4.73 -21.99 -17.84
CA PHE A 206 4.87 -21.61 -19.23
C PHE A 206 6.10 -20.72 -19.39
N ASP A 207 6.89 -20.98 -20.43
CA ASP A 207 8.20 -20.34 -20.55
C ASP A 207 8.17 -18.87 -20.89
N ARG A 208 7.27 -18.46 -21.78
CA ARG A 208 7.19 -17.07 -22.19
C ARG A 208 5.78 -16.77 -22.62
N ALA A 209 5.15 -15.80 -21.97
CA ALA A 209 3.78 -15.40 -22.29
C ALA A 209 3.75 -13.93 -22.63
N PRO A 210 2.73 -13.48 -23.36
CA PRO A 210 2.58 -12.05 -23.59
C PRO A 210 2.60 -11.23 -22.29
N PRO A 211 3.16 -10.02 -22.33
CA PRO A 211 3.24 -9.21 -21.11
C PRO A 211 1.83 -8.83 -20.62
N ARG A 212 1.60 -9.00 -19.31
CA ARG A 212 0.30 -8.77 -18.67
C ARG A 212 -0.86 -9.63 -19.24
N THR A 213 -0.53 -10.79 -19.80
CA THR A 213 -1.59 -11.68 -20.26
C THR A 213 -2.53 -12.07 -19.12
N ALA A 214 -3.80 -12.28 -19.47
CA ALA A 214 -4.79 -12.76 -18.51
C ALA A 214 -4.42 -14.17 -18.04
N ILE A 215 -4.68 -14.45 -16.74
CA ILE A 215 -4.39 -15.75 -16.13
C ILE A 215 -5.59 -16.12 -15.27
N ALA A 216 -6.14 -17.32 -15.47
CA ALA A 216 -7.29 -17.74 -14.68
C ALA A 216 -7.13 -19.20 -14.35
N ALA A 217 -7.52 -19.61 -13.14
CA ALA A 217 -7.32 -21.00 -12.74
C ALA A 217 -8.50 -21.62 -12.02
N THR A 218 -8.57 -22.95 -12.08
CA THR A 218 -9.57 -23.70 -11.30
C THR A 218 -8.97 -25.05 -10.84
N SER A 219 -9.60 -25.63 -9.82
CA SER A 219 -9.22 -26.95 -9.33
C SER A 219 -10.46 -27.75 -9.00
N PHE A 220 -10.34 -29.06 -9.13
CA PHE A 220 -11.48 -29.95 -8.83
C PHE A 220 -10.99 -31.33 -8.44
N GLY A 221 -11.88 -32.15 -7.94
CA GLY A 221 -11.56 -33.57 -7.68
C GLY A 221 -10.56 -33.81 -6.57
N ALA A 222 -10.60 -32.99 -5.53
CA ALA A 222 -9.70 -33.15 -4.39
C ALA A 222 -9.90 -34.51 -3.73
N GLY A 223 -8.81 -35.19 -3.42
CA GLY A 223 -8.88 -36.42 -2.66
C GLY A 223 -7.73 -36.50 -1.68
N ASN A 224 -7.30 -37.73 -1.40
CA ASN A 224 -6.22 -37.95 -0.47
C ASN A 224 -4.91 -37.70 -1.17
N SER A 225 -4.30 -36.55 -0.89
CA SER A 225 -3.05 -36.15 -1.53
C SER A 225 -3.15 -36.10 -3.06
N SER A 226 -4.36 -35.85 -3.57
CA SER A 226 -4.61 -35.75 -4.99
C SER A 226 -5.47 -34.53 -5.31
N ILE A 227 -5.17 -33.91 -6.45
CA ILE A 227 -5.94 -32.76 -6.96
C ILE A 227 -5.81 -32.71 -8.47
N TYR A 228 -6.75 -32.04 -9.13
CA TYR A 228 -6.70 -31.73 -10.57
C TYR A 228 -6.82 -30.21 -10.72
N MET A 229 -6.05 -29.62 -11.61
CA MET A 229 -6.09 -28.17 -11.82
C MET A 229 -5.99 -27.83 -13.28
N ARG A 230 -6.56 -26.68 -13.64
CA ARG A 230 -6.45 -26.19 -15.01
C ARG A 230 -6.18 -24.69 -14.91
N ILE A 231 -5.16 -24.24 -15.64
CA ILE A 231 -4.81 -22.83 -15.71
C ILE A 231 -4.96 -22.38 -17.16
N TYR A 232 -5.46 -21.16 -17.33
CA TYR A 232 -5.73 -20.60 -18.65
C TYR A 232 -5.06 -19.26 -18.75
N PHE A 233 -4.54 -18.98 -19.94
CA PHE A 233 -3.94 -17.68 -20.23
C PHE A 233 -4.05 -17.38 -21.71
N VAL A 234 -3.88 -16.11 -22.10
CA VAL A 234 -3.91 -15.72 -23.52
C VAL A 234 -2.50 -15.70 -24.11
N ASN A 235 -2.27 -16.57 -25.08
CA ASN A 235 -0.96 -16.71 -25.66
C ASN A 235 -0.79 -15.72 -26.82
N SER A 236 0.43 -15.69 -27.33
CA SER A 236 0.83 -14.73 -28.35
C SER A 236 0.15 -15.00 -29.69
N ASP A 237 -0.45 -16.20 -29.82
CA ASP A 237 -1.24 -16.55 -31.00
C ASP A 237 -2.72 -16.10 -30.90
N ASN A 238 -3.04 -15.21 -29.95
CA ASN A 238 -4.41 -14.70 -29.72
C ASN A 238 -5.44 -15.82 -29.50
N THR A 239 -5.03 -16.81 -28.73
CA THR A 239 -5.91 -17.88 -28.30
C THR A 239 -5.68 -18.07 -26.82
N ILE A 240 -6.69 -18.57 -26.11
CA ILE A 240 -6.52 -19.10 -24.77
C ILE A 240 -5.81 -20.44 -24.87
N TRP A 241 -4.76 -20.58 -24.06
CA TRP A 241 -4.10 -21.88 -23.81
C TRP A 241 -4.45 -22.38 -22.41
N GLN A 242 -4.43 -23.70 -22.31
CA GLN A 242 -4.69 -24.42 -21.07
C GLN A 242 -3.42 -25.17 -20.68
N VAL A 243 -3.10 -25.13 -19.39
CA VAL A 243 -2.06 -25.94 -18.79
C VAL A 243 -2.77 -26.88 -17.81
N CYS A 244 -2.48 -28.19 -17.89
CA CYS A 244 -3.15 -29.21 -17.05
C CYS A 244 -2.29 -29.75 -15.96
N TRP A 245 -2.83 -29.79 -14.75
CA TRP A 245 -2.26 -30.62 -13.68
C TRP A 245 -3.24 -31.78 -13.52
N ASP A 246 -2.76 -33.02 -13.73
CA ASP A 246 -3.58 -34.18 -13.38
C ASP A 246 -2.85 -35.04 -12.36
N HIS A 247 -3.58 -35.50 -11.36
CA HIS A 247 -3.00 -36.34 -10.34
C HIS A 247 -2.29 -37.53 -10.99
N GLY A 248 -1.09 -37.79 -10.52
CA GLY A 248 -0.28 -38.88 -11.02
C GLY A 248 0.55 -38.53 -12.25
N LYS A 249 0.24 -37.41 -12.91
CA LYS A 249 0.98 -37.02 -14.10
C LYS A 249 1.64 -35.63 -13.94
N GLY A 250 1.21 -34.85 -12.96
CA GLY A 250 1.76 -33.52 -12.77
C GLY A 250 1.36 -32.57 -13.88
N TYR A 251 2.19 -31.57 -14.11
CA TYR A 251 1.98 -30.60 -15.18
C TYR A 251 2.46 -31.28 -16.45
N HIS A 252 1.57 -31.97 -17.14
CA HIS A 252 1.97 -32.90 -18.21
C HIS A 252 1.53 -32.47 -19.59
N ASP A 253 0.67 -31.46 -19.69
CA ASP A 253 0.22 -31.08 -21.01
C ASP A 253 -0.19 -29.62 -21.03
N LYS A 254 -0.17 -29.06 -22.23
CA LYS A 254 -0.66 -27.73 -22.49
C LYS A 254 -0.91 -27.57 -23.97
N GLY A 255 -1.84 -26.69 -24.31
CA GLY A 255 -2.22 -26.49 -25.70
C GLY A 255 -3.28 -25.42 -25.84
N THR A 256 -3.51 -25.01 -27.09
CA THR A 256 -4.57 -24.03 -27.39
C THR A 256 -5.98 -24.58 -27.13
N ILE A 257 -6.89 -23.69 -26.77
CA ILE A 257 -8.29 -24.01 -26.55
C ILE A 257 -9.21 -23.33 -27.56
N THR A 258 -9.15 -22.01 -27.61
CA THR A 258 -10.09 -21.24 -28.44
C THR A 258 -9.55 -19.84 -28.74
N PRO A 259 -9.87 -19.28 -29.93
CA PRO A 259 -9.42 -17.93 -30.25
C PRO A 259 -10.11 -16.86 -29.42
N VAL A 260 -9.40 -15.76 -29.17
CA VAL A 260 -9.95 -14.63 -28.43
C VAL A 260 -9.53 -13.37 -29.13
N ILE A 261 -10.17 -12.26 -28.77
CA ILE A 261 -9.62 -10.98 -29.22
C ILE A 261 -8.27 -10.73 -28.58
N GLN A 262 -7.48 -9.90 -29.24
CA GLN A 262 -6.25 -9.41 -28.68
C GLN A 262 -6.57 -8.79 -27.30
N GLY A 263 -5.84 -9.23 -26.29
CA GLY A 263 -5.95 -8.71 -24.96
C GLY A 263 -7.23 -9.07 -24.22
N SER A 264 -7.91 -10.15 -24.63
CA SER A 264 -9.12 -10.60 -23.87
C SER A 264 -8.76 -10.98 -22.44
N GLU A 265 -9.68 -10.73 -21.52
CA GLU A 265 -9.61 -11.26 -20.19
C GLU A 265 -10.28 -12.62 -20.20
N VAL A 266 -10.09 -13.36 -19.13
CA VAL A 266 -10.52 -14.77 -19.09
C VAL A 266 -11.02 -15.09 -17.70
N ALA A 267 -12.11 -15.85 -17.65
CA ALA A 267 -12.57 -16.45 -16.40
C ALA A 267 -12.91 -17.92 -16.62
N ILE A 268 -12.72 -18.70 -15.55
CA ILE A 268 -12.94 -20.15 -15.55
C ILE A 268 -13.74 -20.57 -14.33
N ILE A 269 -14.68 -21.50 -14.53
CA ILE A 269 -15.35 -22.20 -13.41
C ILE A 269 -15.37 -23.69 -13.74
N SER A 270 -15.49 -24.52 -12.71
CA SER A 270 -15.57 -25.95 -12.89
C SER A 270 -16.51 -26.52 -11.87
N TRP A 271 -17.02 -27.71 -12.15
CA TRP A 271 -17.75 -28.49 -11.15
C TRP A 271 -17.66 -29.98 -11.45
N GLY A 272 -17.91 -30.76 -10.40
CA GLY A 272 -17.79 -32.23 -10.46
C GLY A 272 -16.36 -32.72 -10.62
N SER A 273 -16.20 -33.94 -11.13
CA SER A 273 -14.91 -34.60 -11.13
C SER A 273 -14.90 -35.78 -12.08
N PHE A 274 -13.69 -36.26 -12.42
CA PHE A 274 -13.57 -37.44 -13.27
C PHE A 274 -14.31 -38.66 -12.69
N ALA A 275 -14.41 -38.73 -11.37
CA ALA A 275 -15.06 -39.86 -10.70
C ALA A 275 -16.59 -39.86 -10.81
N ASN A 276 -17.18 -38.73 -11.22
CA ASN A 276 -18.65 -38.65 -11.26
C ASN A 276 -19.13 -38.01 -12.55
N ASN A 277 -18.68 -38.58 -13.65
CA ASN A 277 -18.99 -38.13 -15.00
C ASN A 277 -18.74 -36.63 -15.25
N GLY A 278 -17.64 -36.15 -14.70
CA GLY A 278 -17.16 -34.81 -14.95
C GLY A 278 -15.69 -34.88 -15.28
N PRO A 279 -14.97 -33.75 -15.09
CA PRO A 279 -15.53 -32.45 -14.68
C PRO A 279 -16.36 -31.76 -15.77
N ASP A 280 -17.03 -30.66 -15.40
CA ASP A 280 -17.54 -29.69 -16.33
C ASP A 280 -16.69 -28.45 -16.18
N LEU A 281 -16.31 -27.86 -17.30
CA LEU A 281 -15.53 -26.61 -17.31
C LEU A 281 -16.30 -25.59 -18.12
N ARG A 282 -16.27 -24.32 -17.69
CA ARG A 282 -16.78 -23.23 -18.52
C ARG A 282 -15.79 -22.06 -18.50
N LEU A 283 -15.37 -21.62 -19.68
CA LEU A 283 -14.53 -20.44 -19.87
C LEU A 283 -15.35 -19.29 -20.39
N TYR A 284 -15.04 -18.08 -19.93
CA TYR A 284 -15.68 -16.85 -20.42
C TYR A 284 -14.61 -15.87 -20.86
N PHE A 285 -14.85 -15.20 -21.97
CA PHE A 285 -13.83 -14.37 -22.63
C PHE A 285 -14.52 -13.60 -23.73
N GLN A 286 -13.75 -12.81 -24.47
CA GLN A 286 -14.24 -12.08 -25.62
C GLN A 286 -13.54 -12.61 -26.85
N ASN A 287 -14.31 -13.03 -27.84
CA ASN A 287 -13.73 -13.48 -29.12
C ASN A 287 -14.19 -12.71 -30.36
N GLY A 288 -14.88 -11.60 -30.15
CA GLY A 288 -15.34 -10.75 -31.23
C GLY A 288 -16.78 -10.96 -31.62
N THR A 289 -17.49 -11.81 -30.88
CA THR A 289 -18.91 -12.06 -31.17
C THR A 289 -19.70 -10.80 -30.87
N TYR A 290 -20.45 -10.35 -31.88
CA TYR A 290 -21.12 -9.04 -31.83
C TYR A 290 -20.11 -7.93 -31.43
N ILE A 291 -18.87 -8.11 -31.86
CA ILE A 291 -17.75 -7.23 -31.53
C ILE A 291 -17.30 -7.34 -30.05
N SER A 292 -18.19 -7.00 -29.12
CA SER A 292 -17.84 -6.83 -27.74
C SER A 292 -18.58 -7.76 -26.79
N ALA A 293 -19.34 -8.71 -27.29
CA ALA A 293 -20.04 -9.63 -26.36
C ALA A 293 -19.05 -10.56 -25.68
N VAL A 294 -19.45 -11.08 -24.53
CA VAL A 294 -18.73 -12.16 -23.85
C VAL A 294 -19.25 -13.49 -24.39
N SER A 295 -18.34 -14.41 -24.70
CA SER A 295 -18.68 -15.74 -25.16
C SER A 295 -18.25 -16.80 -24.17
N GLU A 296 -18.72 -18.04 -24.39
CA GLU A 296 -18.48 -19.17 -23.49
C GLU A 296 -17.87 -20.33 -24.28
N TRP A 297 -16.94 -21.02 -23.64
CA TRP A 297 -16.45 -22.34 -24.08
C TRP A 297 -16.79 -23.38 -22.99
N VAL A 298 -17.10 -24.59 -23.45
CA VAL A 298 -17.64 -25.68 -22.63
C VAL A 298 -16.69 -26.88 -22.76
N TRP A 299 -16.39 -27.51 -21.64
CA TRP A 299 -15.93 -28.90 -21.68
C TRP A 299 -16.80 -29.76 -20.78
N ASN A 300 -17.21 -30.92 -21.29
CA ASN A 300 -17.87 -31.90 -20.45
C ASN A 300 -17.54 -33.29 -20.96
N ARG A 301 -17.96 -34.28 -20.18
CA ARG A 301 -17.70 -35.66 -20.54
C ARG A 301 -18.47 -36.09 -21.80
N ALA A 302 -19.66 -35.57 -22.01
CA ALA A 302 -20.51 -36.03 -23.12
C ALA A 302 -19.90 -35.67 -24.47
N HIS A 303 -19.50 -34.41 -24.63
CA HIS A 303 -19.08 -33.92 -25.93
C HIS A 303 -17.72 -33.21 -25.97
N GLY A 304 -17.01 -33.18 -24.85
CA GLY A 304 -15.65 -32.66 -24.84
C GLY A 304 -15.66 -31.16 -25.10
N SER A 305 -14.67 -30.69 -25.84
CA SER A 305 -14.49 -29.25 -26.10
C SER A 305 -15.45 -28.71 -27.13
N GLN A 306 -16.25 -27.70 -26.76
CA GLN A 306 -17.25 -27.10 -27.66
C GLN A 306 -17.46 -25.64 -27.29
N LEU A 307 -17.73 -24.80 -28.27
CA LEU A 307 -18.22 -23.45 -27.98
C LEU A 307 -19.60 -23.56 -27.38
N GLY A 308 -19.82 -22.77 -26.33
CA GLY A 308 -21.11 -22.73 -25.64
C GLY A 308 -21.87 -21.50 -26.06
N ARG A 309 -22.48 -20.82 -25.09
CA ARG A 309 -23.28 -19.65 -25.39
C ARG A 309 -22.46 -18.64 -26.18
N SER A 310 -22.93 -18.29 -27.38
CA SER A 310 -22.10 -17.45 -28.25
C SER A 310 -21.97 -16.01 -27.76
N ALA A 311 -23.04 -15.49 -27.15
CA ALA A 311 -23.05 -14.13 -26.64
C ALA A 311 -23.86 -14.13 -25.38
N LEU A 312 -23.21 -13.90 -24.25
CA LEU A 312 -23.92 -13.81 -23.00
C LEU A 312 -24.83 -12.57 -22.97
N PRO A 313 -25.93 -12.64 -22.21
CA PRO A 313 -26.68 -11.45 -21.87
C PRO A 313 -25.71 -10.37 -21.35
N PRO A 314 -25.94 -9.10 -21.72
CA PRO A 314 -27.11 -8.55 -22.36
C PRO A 314 -27.12 -8.55 -23.88
N ALA A 315 -26.21 -9.28 -24.51
CA ALA A 315 -26.08 -9.25 -25.97
C ALA A 315 -27.34 -9.69 -26.68
N SER B 2 10.50 -3.61 -15.68
CA SER B 2 9.95 -2.29 -16.04
C SER B 2 10.77 -1.17 -15.38
N THR B 3 10.29 0.07 -15.45
CA THR B 3 10.89 1.19 -14.72
C THR B 3 9.73 1.95 -14.08
N PRO B 4 10.03 2.74 -13.02
CA PRO B 4 8.97 3.51 -12.36
C PRO B 4 8.23 4.45 -13.31
N GLY B 5 8.96 5.09 -14.22
CA GLY B 5 8.31 5.91 -15.25
C GLY B 5 7.45 5.13 -16.24
N ALA B 6 7.96 4.01 -16.78
CA ALA B 6 7.20 3.23 -17.77
C ALA B 6 5.86 2.77 -17.14
N GLN B 7 5.94 2.40 -15.88
CA GLN B 7 4.76 1.97 -15.11
C GLN B 7 3.68 3.04 -14.99
N GLN B 8 4.02 4.31 -15.24
CA GLN B 8 3.03 5.38 -15.23
C GLN B 8 2.21 5.45 -16.52
N VAL B 9 2.67 4.81 -17.58
CA VAL B 9 1.97 4.82 -18.88
C VAL B 9 0.86 3.76 -18.90
N LEU B 10 -0.35 4.18 -19.22
CA LEU B 10 -1.48 3.28 -19.35
C LEU B 10 -1.24 2.19 -20.39
N PHE B 11 -1.48 0.94 -20.01
CA PHE B 11 -1.39 -0.16 -20.96
C PHE B 11 -2.52 -0.02 -21.99
N ARG B 12 -2.16 -0.08 -23.26
CA ARG B 12 -3.06 0.24 -24.40
C ARG B 12 -3.59 1.68 -24.38
N THR B 13 -2.78 2.58 -23.84
CA THR B 13 -3.04 4.00 -23.94
C THR B 13 -3.30 4.43 -25.37
N GLY B 14 -4.24 5.35 -25.52
CA GLY B 14 -4.35 6.11 -26.75
C GLY B 14 -3.03 6.86 -26.95
N ILE B 15 -2.62 7.03 -28.20
CA ILE B 15 -1.37 7.71 -28.50
C ILE B 15 -1.64 8.67 -29.66
N ALA B 16 -1.12 9.89 -29.53
CA ALA B 16 -1.14 10.83 -30.65
C ALA B 16 0.18 11.54 -30.73
N ALA B 17 0.45 12.10 -31.90
CA ALA B 17 1.68 12.83 -32.12
C ALA B 17 1.54 13.95 -33.16
N VAL B 18 2.33 14.99 -32.93
CA VAL B 18 2.43 16.11 -33.86
C VAL B 18 3.88 16.52 -34.01
N ASN B 19 4.15 17.37 -34.99
CA ASN B 19 5.52 17.78 -35.27
C ASN B 19 5.63 19.00 -36.16
N SER B 20 6.78 19.65 -36.07
CA SER B 20 7.29 20.53 -37.09
C SER B 20 8.65 20.01 -37.49
N THR B 21 8.75 19.52 -38.72
CA THR B 21 9.86 18.67 -39.16
C THR B 21 10.26 17.74 -38.01
N ASN B 22 11.52 17.78 -37.57
CA ASN B 22 11.98 16.81 -36.58
C ASN B 22 11.84 17.27 -35.14
N HIS B 23 10.99 18.25 -34.91
CA HIS B 23 10.63 18.69 -33.56
C HIS B 23 9.30 18.02 -33.23
N LEU B 24 9.30 17.17 -32.22
CA LEU B 24 8.23 16.16 -32.03
C LEU B 24 7.54 16.31 -30.71
N ARG B 25 6.24 16.00 -30.69
CA ARG B 25 5.47 15.89 -29.46
C ARG B 25 4.62 14.65 -29.50
N VAL B 26 4.60 13.92 -28.40
CA VAL B 26 3.79 12.71 -28.31
C VAL B 26 2.90 12.78 -27.08
N TYR B 27 1.63 12.45 -27.28
CA TYR B 27 0.62 12.48 -26.20
C TYR B 27 0.17 11.08 -25.89
N PHE B 28 -0.01 10.81 -24.60
CA PHE B 28 -0.50 9.53 -24.13
C PHE B 28 -1.21 9.76 -22.80
N GLN B 29 -1.87 8.71 -22.31
CA GLN B 29 -2.60 8.80 -21.06
C GLN B 29 -1.83 8.02 -20.02
N ASP B 30 -1.71 8.61 -18.83
CA ASP B 30 -1.11 7.94 -17.69
C ASP B 30 -2.13 7.08 -16.96
N VAL B 31 -1.66 6.30 -15.98
CA VAL B 31 -2.55 5.33 -15.30
C VAL B 31 -3.67 6.00 -14.49
N TYR B 32 -3.52 7.28 -14.18
CA TYR B 32 -4.54 8.05 -13.44
C TYR B 32 -5.54 8.79 -14.32
N GLY B 33 -5.35 8.73 -15.63
CA GLY B 33 -6.27 9.33 -16.58
C GLY B 33 -5.80 10.67 -17.14
N SER B 34 -4.66 11.16 -16.68
CA SER B 34 -4.10 12.42 -17.18
C SER B 34 -3.47 12.22 -18.53
N ILE B 35 -3.60 13.23 -19.40
CA ILE B 35 -2.94 13.24 -20.70
C ILE B 35 -1.63 13.98 -20.57
N ARG B 36 -0.54 13.32 -20.95
CA ARG B 36 0.79 13.85 -20.79
C ARG B 36 1.42 14.09 -22.13
N GLU B 37 2.38 15.01 -22.17
CA GLU B 37 3.16 15.28 -23.38
C GLU B 37 4.63 14.92 -23.15
N SER B 38 5.18 14.12 -24.06
CA SER B 38 6.62 13.94 -24.16
C SER B 38 7.09 14.71 -25.38
N LEU B 39 8.36 15.12 -25.37
CA LEU B 39 8.86 15.95 -26.48
C LEU B 39 10.23 15.55 -26.94
N TYR B 40 10.50 15.87 -28.20
CA TYR B 40 11.82 15.68 -28.77
C TYR B 40 12.24 17.01 -29.37
N GLU B 41 13.30 17.57 -28.78
CA GLU B 41 13.92 18.81 -29.25
C GLU B 41 15.42 18.50 -29.20
N GLY B 42 15.87 17.73 -30.17
CA GLY B 42 17.25 17.25 -30.20
C GLY B 42 17.50 16.04 -29.32
N SER B 43 16.68 15.86 -28.30
CA SER B 43 16.69 14.68 -27.48
C SER B 43 15.32 14.58 -26.80
N TRP B 44 15.07 13.42 -26.21
CA TRP B 44 13.75 13.14 -25.62
C TRP B 44 13.64 13.63 -24.18
N ALA B 45 12.48 14.19 -23.83
CA ALA B 45 12.24 14.70 -22.48
C ALA B 45 10.77 14.64 -22.09
N ASN B 46 10.52 14.85 -20.80
CA ASN B 46 9.19 15.16 -20.27
C ASN B 46 8.34 13.90 -20.10
N GLY B 47 7.05 13.94 -20.47
CA GLY B 47 6.14 12.82 -20.15
C GLY B 47 5.88 12.54 -18.66
N THR B 48 6.20 13.50 -17.79
CA THR B 48 6.11 13.31 -16.35
C THR B 48 4.78 13.84 -15.89
N GLU B 49 4.52 13.69 -14.59
CA GLU B 49 3.32 14.26 -13.99
C GLU B 49 3.31 15.79 -14.01
N LYS B 50 4.46 16.40 -14.32
CA LYS B 50 4.56 17.85 -14.47
C LYS B 50 4.27 18.29 -15.89
N ASN B 51 3.95 17.32 -16.77
CA ASN B 51 3.73 17.61 -18.19
C ASN B 51 2.32 17.19 -18.61
N VAL B 52 1.37 17.42 -17.70
CA VAL B 52 -0.03 17.08 -17.91
C VAL B 52 -0.76 18.23 -18.59
N ILE B 53 -1.45 17.96 -19.69
CA ILE B 53 -2.20 19.00 -20.41
C ILE B 53 -3.70 18.95 -20.11
N GLY B 54 -4.14 17.92 -19.40
CA GLY B 54 -5.55 17.74 -19.13
C GLY B 54 -5.87 16.34 -18.66
N ASN B 55 -7.14 16.12 -18.33
CA ASN B 55 -7.63 14.83 -17.88
C ASN B 55 -8.75 14.34 -18.77
N ALA B 56 -8.81 13.01 -18.97
CA ALA B 56 -9.85 12.42 -19.78
C ALA B 56 -10.31 11.12 -19.10
N LYS B 57 -11.46 10.60 -19.52
CA LYS B 57 -11.90 9.30 -19.04
C LYS B 57 -10.80 8.24 -19.26
N LEU B 58 -10.68 7.33 -18.30
CA LEU B 58 -9.69 6.24 -18.41
C LEU B 58 -9.98 5.39 -19.63
N GLY B 59 -8.95 5.18 -20.46
CA GLY B 59 -9.07 4.41 -21.70
C GLY B 59 -9.43 5.27 -22.90
N SER B 60 -9.54 6.58 -22.70
CA SER B 60 -10.01 7.46 -23.75
C SER B 60 -9.21 7.36 -25.05
N PRO B 61 -9.87 7.56 -26.21
CA PRO B 61 -9.02 7.78 -27.35
C PRO B 61 -8.21 9.06 -27.14
N VAL B 62 -7.12 9.18 -27.86
CA VAL B 62 -6.29 10.39 -27.81
C VAL B 62 -5.92 10.70 -29.25
N ALA B 63 -6.36 11.86 -29.77
CA ALA B 63 -6.05 12.29 -31.10
C ALA B 63 -5.40 13.68 -31.04
N ALA B 64 -4.56 13.99 -32.00
CA ALA B 64 -3.92 15.34 -32.02
C ALA B 64 -3.63 15.74 -33.44
N THR B 65 -3.62 17.04 -33.68
CA THR B 65 -3.28 17.61 -34.96
C THR B 65 -2.62 18.98 -34.68
N SER B 66 -1.83 19.45 -35.61
CA SER B 66 -1.12 20.71 -35.36
C SER B 66 -0.92 21.48 -36.66
N LYS B 67 -0.61 22.77 -36.49
CA LYS B 67 -0.01 23.60 -37.53
C LYS B 67 1.42 23.86 -37.06
N GLU B 68 2.34 23.09 -37.63
CA GLU B 68 3.71 22.98 -37.13
C GLU B 68 3.63 22.75 -35.60
N LEU B 69 4.41 23.47 -34.80
CA LEU B 69 4.23 23.38 -33.33
C LEU B 69 3.75 24.74 -32.78
N LYS B 70 3.14 25.51 -33.66
CA LYS B 70 2.59 26.81 -33.28
C LYS B 70 1.19 26.69 -32.72
N HIS B 71 0.42 25.71 -33.24
CA HIS B 71 -0.94 25.44 -32.77
C HIS B 71 -1.13 23.94 -32.70
N ILE B 72 -1.47 23.45 -31.52
CA ILE B 72 -1.64 22.02 -31.30
C ILE B 72 -3.02 21.86 -30.67
N ARG B 73 -3.72 20.81 -31.08
CA ARG B 73 -5.02 20.50 -30.50
C ARG B 73 -5.09 19.00 -30.22
N VAL B 74 -5.50 18.63 -29.01
CA VAL B 74 -5.53 17.25 -28.55
C VAL B 74 -6.95 16.93 -28.08
N TYR B 75 -7.53 15.87 -28.62
CA TYR B 75 -8.93 15.54 -28.42
C TYR B 75 -9.07 14.21 -27.68
N THR B 76 -9.97 14.18 -26.72
CA THR B 76 -10.21 13.03 -25.86
C THR B 76 -11.67 13.05 -25.48
N LEU B 77 -12.11 12.02 -24.74
CA LEU B 77 -13.47 12.00 -24.20
C LEU B 77 -13.48 12.29 -22.72
N THR B 78 -14.50 13.09 -22.32
CA THR B 78 -14.80 13.32 -20.92
C THR B 78 -15.43 12.08 -20.32
N GLU B 79 -15.56 12.07 -19.00
CA GLU B 79 -16.31 11.00 -18.32
C GLU B 79 -17.77 10.90 -18.79
N GLY B 80 -18.34 12.03 -19.15
CA GLY B 80 -19.67 12.07 -19.72
C GLY B 80 -19.76 11.71 -21.20
N ASN B 81 -18.70 11.15 -21.78
CA ASN B 81 -18.63 10.82 -23.21
C ASN B 81 -19.00 11.96 -24.15
N THR B 82 -18.51 13.13 -23.83
CA THR B 82 -18.52 14.24 -24.76
C THR B 82 -17.10 14.49 -25.24
N LEU B 83 -17.00 15.02 -26.46
CA LEU B 83 -15.74 15.44 -27.02
C LEU B 83 -15.17 16.65 -26.27
N GLN B 84 -13.88 16.62 -26.00
CA GLN B 84 -13.19 17.77 -25.44
C GLN B 84 -11.83 17.98 -26.11
N GLU B 85 -11.20 19.11 -25.74
CA GLU B 85 -10.05 19.63 -26.49
C GLU B 85 -9.10 20.34 -25.55
N PHE B 86 -7.84 19.92 -25.55
CA PHE B 86 -6.76 20.65 -24.91
C PHE B 86 -6.02 21.35 -26.03
N ALA B 87 -5.81 22.66 -25.88
CA ALA B 87 -5.30 23.48 -26.98
C ALA B 87 -3.99 24.15 -26.58
N TYR B 88 -3.03 24.18 -27.51
CA TYR B 88 -1.81 24.94 -27.35
C TYR B 88 -1.66 25.93 -28.49
N ASP B 89 -1.50 27.22 -28.16
CA ASP B 89 -1.07 28.22 -29.13
C ASP B 89 0.25 28.84 -28.67
N SER B 90 1.15 29.13 -29.61
CA SER B 90 2.35 29.89 -29.25
C SER B 90 1.87 31.21 -28.66
N GLY B 91 2.24 31.51 -27.44
CA GLY B 91 1.72 32.76 -26.86
C GLY B 91 0.64 32.60 -25.81
N THR B 92 -0.03 31.45 -25.78
CA THR B 92 -0.99 31.14 -24.70
C THR B 92 -0.52 30.02 -23.74
N GLY B 93 0.27 29.08 -24.22
CA GLY B 93 0.48 27.84 -23.50
C GLY B 93 -0.78 26.99 -23.64
N TRP B 94 -0.91 26.00 -22.75
CA TRP B 94 -2.03 25.05 -22.80
C TRP B 94 -3.28 25.58 -22.15
N TYR B 95 -4.40 25.32 -22.79
CA TYR B 95 -5.69 25.67 -22.21
C TYR B 95 -6.77 24.67 -22.59
N ASN B 96 -7.89 24.78 -21.89
CA ASN B 96 -9.10 24.02 -22.23
CA ASN B 96 -9.12 24.04 -22.20
C ASN B 96 -9.82 24.68 -23.41
N GLY B 97 -9.83 23.99 -24.54
CA GLY B 97 -10.46 24.49 -25.75
C GLY B 97 -11.96 24.56 -25.69
N GLY B 98 -12.54 25.33 -26.60
CA GLY B 98 -13.99 25.54 -26.66
C GLY B 98 -14.84 24.34 -27.02
N LEU B 99 -14.23 23.27 -27.54
CA LEU B 99 -15.02 22.14 -28.03
C LEU B 99 -15.91 21.54 -26.95
N GLY B 100 -15.38 21.38 -25.74
CA GLY B 100 -16.12 20.79 -24.64
C GLY B 100 -17.44 21.49 -24.35
N GLY B 101 -17.46 22.80 -24.50
CA GLY B 101 -18.68 23.61 -24.34
C GLY B 101 -19.85 23.22 -25.22
N ALA B 102 -19.56 22.66 -26.40
CA ALA B 102 -20.60 22.23 -27.31
C ALA B 102 -21.28 20.94 -26.85
N LYS B 103 -20.63 20.20 -25.95
CA LYS B 103 -21.18 18.98 -25.34
C LYS B 103 -21.64 17.97 -26.39
N PHE B 104 -20.80 17.72 -27.40
CA PHE B 104 -21.13 16.74 -28.41
C PHE B 104 -21.06 15.34 -27.78
N GLN B 105 -22.21 14.70 -27.61
CA GLN B 105 -22.31 13.33 -27.07
C GLN B 105 -22.01 12.28 -28.12
N VAL B 106 -21.06 11.40 -27.82
CA VAL B 106 -20.67 10.35 -28.76
C VAL B 106 -20.84 9.00 -28.08
N ALA B 107 -20.74 7.92 -28.85
CA ALA B 107 -20.79 6.57 -28.23
C ALA B 107 -19.66 6.45 -27.20
N PRO B 108 -19.91 5.75 -26.09
CA PRO B 108 -18.85 5.61 -25.08
C PRO B 108 -17.59 4.88 -25.61
N TYR B 109 -17.77 4.06 -26.65
CA TYR B 109 -16.65 3.35 -27.29
C TYR B 109 -16.11 4.08 -28.52
N SER B 110 -16.51 5.34 -28.72
CA SER B 110 -16.04 6.11 -29.87
C SER B 110 -14.52 6.33 -29.85
N ILE B 112 -11.52 8.81 -31.99
CA ILE B 112 -11.50 10.17 -32.49
C ILE B 112 -10.36 10.31 -33.50
N ALA B 113 -10.59 11.09 -34.55
CA ALA B 113 -9.50 11.59 -35.38
C ALA B 113 -9.67 13.08 -35.60
N ALA B 114 -8.58 13.76 -35.90
CA ALA B 114 -8.59 15.21 -36.00
C ALA B 114 -7.60 15.72 -37.01
N VAL B 115 -8.01 16.72 -37.79
CA VAL B 115 -7.12 17.41 -38.67
C VAL B 115 -7.39 18.91 -38.67
N PHE B 116 -6.29 19.66 -38.84
CA PHE B 116 -6.36 21.01 -39.34
C PHE B 116 -6.49 20.89 -40.86
N LEU B 117 -7.36 21.67 -41.47
CA LEU B 117 -7.39 21.68 -42.92
C LEU B 117 -6.08 22.25 -43.48
N ALA B 118 -5.59 21.58 -44.50
CA ALA B 118 -4.34 21.93 -45.15
C ALA B 118 -4.50 23.13 -46.09
N GLY B 119 -3.38 23.81 -46.31
CA GLY B 119 -3.27 24.79 -47.36
C GLY B 119 -3.91 26.13 -47.05
N THR B 120 -4.19 26.37 -45.78
CA THR B 120 -4.66 27.68 -45.36
C THR B 120 -4.01 28.07 -44.03
N ASP B 121 -3.79 29.38 -43.84
CA ASP B 121 -3.24 29.87 -42.59
C ASP B 121 -4.31 30.05 -41.55
N ALA B 122 -5.58 30.05 -41.98
CA ALA B 122 -6.69 30.05 -41.04
C ALA B 122 -6.69 28.74 -40.26
N LEU B 123 -7.07 28.80 -39.00
CA LEU B 123 -7.16 27.61 -38.18
C LEU B 123 -8.56 27.02 -38.37
N GLN B 124 -8.66 26.00 -39.20
CA GLN B 124 -9.93 25.32 -39.44
C GLN B 124 -9.77 23.83 -39.13
N LEU B 125 -10.69 23.32 -38.30
CA LEU B 125 -10.55 21.97 -37.74
C LEU B 125 -11.71 21.08 -38.14
N ARG B 126 -11.40 19.83 -38.46
CA ARG B 126 -12.41 18.81 -38.64
C ARG B 126 -12.09 17.64 -37.70
N ILE B 127 -13.04 17.30 -36.83
CA ILE B 127 -12.92 16.21 -35.88
C ILE B 127 -13.92 15.09 -36.30
N TYR B 128 -13.51 13.84 -36.17
CA TYR B 128 -14.32 12.68 -36.57
C TYR B 128 -14.47 11.74 -35.39
N ALA B 129 -15.71 11.43 -35.06
CA ALA B 129 -15.98 10.53 -33.95
C ALA B 129 -17.27 9.75 -34.27
N GLN B 130 -17.63 8.83 -33.40
CA GLN B 130 -18.72 7.92 -33.65
C GLN B 130 -19.88 8.16 -32.72
N LYS B 131 -21.04 8.47 -33.31
CA LYS B 131 -22.24 8.72 -32.51
C LYS B 131 -22.82 7.43 -31.94
N PRO B 132 -23.77 7.57 -30.99
CA PRO B 132 -24.42 6.38 -30.43
C PRO B 132 -25.10 5.45 -31.44
N ASP B 133 -25.51 5.98 -32.61
CA ASP B 133 -26.07 5.17 -33.68
C ASP B 133 -25.04 4.51 -34.61
N ASN B 134 -23.76 4.60 -34.21
CA ASN B 134 -22.58 4.04 -34.90
C ASN B 134 -22.18 4.72 -36.18
N THR B 135 -22.78 5.87 -36.47
CA THR B 135 -22.34 6.63 -37.64
C THR B 135 -21.12 7.47 -37.25
N ILE B 136 -20.30 7.71 -38.26
CA ILE B 136 -19.16 8.58 -38.16
C ILE B 136 -19.61 10.00 -38.48
N GLN B 137 -19.39 10.87 -37.50
CA GLN B 137 -19.85 12.27 -37.58
C GLN B 137 -18.64 13.17 -37.58
N GLU B 138 -18.64 14.14 -38.50
CA GLU B 138 -17.68 15.22 -38.55
C GLU B 138 -18.18 16.36 -37.69
N TYR B 139 -17.28 16.96 -36.94
CA TYR B 139 -17.53 18.18 -36.15
C TYR B 139 -16.54 19.24 -36.63
N MET B 140 -16.99 20.48 -36.79
CA MET B 140 -16.16 21.45 -37.51
C MET B 140 -16.05 22.80 -36.82
N TRP B 141 -14.87 23.39 -36.96
CA TRP B 141 -14.60 24.74 -36.51
C TRP B 141 -14.06 25.49 -37.70
N ASN B 142 -14.74 26.55 -38.11
CA ASN B 142 -14.27 27.39 -39.21
C ASN B 142 -13.94 28.79 -38.81
N GLY B 143 -13.70 28.99 -37.52
CA GLY B 143 -13.25 30.27 -37.03
C GLY B 143 -14.15 30.93 -36.02
N ASP B 144 -15.40 30.50 -35.93
CA ASP B 144 -16.36 31.18 -35.06
C ASP B 144 -17.39 30.19 -34.58
N GLY B 145 -16.94 29.20 -33.82
CA GLY B 145 -17.85 28.26 -33.18
C GLY B 145 -17.85 26.86 -33.76
N TRP B 146 -18.24 25.92 -32.93
CA TRP B 146 -18.30 24.50 -33.29
C TRP B 146 -19.71 24.12 -33.73
N LYS B 147 -19.78 23.31 -34.77
CA LYS B 147 -21.03 22.68 -35.16
C LYS B 147 -20.79 21.34 -35.84
N GLU B 148 -21.86 20.59 -36.00
CA GLU B 148 -21.80 19.33 -36.75
C GLU B 148 -21.60 19.59 -38.23
N GLY B 149 -20.65 18.87 -38.82
CA GLY B 149 -20.42 18.87 -40.26
C GLY B 149 -21.15 17.71 -40.94
N THR B 150 -20.48 17.11 -41.91
CA THR B 150 -21.04 16.00 -42.66
C THR B 150 -21.04 14.67 -41.88
N ASN B 151 -22.16 13.93 -41.95
CA ASN B 151 -22.23 12.57 -41.39
C ASN B 151 -21.81 11.59 -42.46
N LEU B 152 -20.88 10.71 -42.13
CA LEU B 152 -20.21 9.88 -43.13
C LEU B 152 -20.68 8.41 -43.08
N GLY B 153 -21.77 8.18 -42.36
CA GLY B 153 -22.51 6.91 -42.41
C GLY B 153 -22.01 5.90 -41.40
N GLY B 154 -22.51 4.68 -41.51
CA GLY B 154 -22.28 3.65 -40.50
C GLY B 154 -20.88 3.07 -40.49
N ALA B 155 -20.43 2.69 -39.30
CA ALA B 155 -19.16 1.95 -39.15
C ALA B 155 -19.30 0.98 -38.01
N LEU B 156 -18.33 0.07 -37.92
CA LEU B 156 -18.28 -0.91 -36.87
C LEU B 156 -18.29 -0.19 -35.51
N PRO B 157 -19.13 -0.62 -34.54
CA PRO B 157 -19.08 0.07 -33.26
C PRO B 157 -17.70 -0.06 -32.58
N GLY B 158 -17.09 1.09 -32.32
CA GLY B 158 -15.78 1.17 -31.68
C GLY B 158 -14.65 1.18 -32.67
N THR B 159 -14.96 1.36 -33.95
CA THR B 159 -13.95 1.43 -34.99
C THR B 159 -12.84 2.44 -34.67
N GLY B 160 -11.61 2.11 -35.06
CA GLY B 160 -10.53 3.10 -35.10
C GLY B 160 -10.88 4.11 -36.18
N ILE B 161 -10.28 5.29 -36.12
CA ILE B 161 -10.50 6.33 -37.13
C ILE B 161 -9.17 7.01 -37.41
N GLY B 162 -8.76 7.00 -38.66
CA GLY B 162 -7.58 7.74 -39.11
C GLY B 162 -8.02 8.90 -39.98
N ALA B 163 -7.24 9.96 -40.04
CA ALA B 163 -7.59 11.09 -40.85
C ALA B 163 -6.37 11.88 -41.28
N THR B 164 -6.45 12.47 -42.46
CA THR B 164 -5.40 13.38 -42.93
C THR B 164 -6.00 14.44 -43.84
N SER B 165 -5.37 15.61 -43.86
CA SER B 165 -5.73 16.66 -44.79
C SER B 165 -4.47 17.09 -45.56
N PHE B 166 -4.68 17.38 -46.84
CA PHE B 166 -3.63 17.87 -47.71
C PHE B 166 -4.29 18.78 -48.74
N ARG B 167 -3.47 19.55 -49.45
CA ARG B 167 -3.97 20.43 -50.47
C ARG B 167 -3.21 20.23 -51.77
N TYR B 168 -3.93 19.79 -52.79
CA TYR B 168 -3.35 19.70 -54.14
C TYR B 168 -2.97 21.12 -54.56
N THR B 169 -1.80 21.27 -55.16
CA THR B 169 -1.32 22.60 -55.56
C THR B 169 -2.07 23.18 -56.78
N ASP B 170 -2.84 22.36 -57.49
CA ASP B 170 -3.67 22.80 -58.63
C ASP B 170 -5.16 22.89 -58.28
N TYR B 171 -5.48 22.77 -56.99
CA TYR B 171 -6.86 22.90 -56.52
C TYR B 171 -6.89 24.10 -55.61
N ASN B 172 -8.08 24.65 -55.37
CA ASN B 172 -8.13 25.86 -54.55
C ASN B 172 -8.78 25.63 -53.19
N GLY B 173 -8.68 24.43 -52.65
CA GLY B 173 -9.28 24.11 -51.34
C GLY B 173 -8.67 22.82 -50.82
N PRO B 174 -8.92 22.51 -49.53
CA PRO B 174 -8.34 21.32 -48.91
C PRO B 174 -9.05 20.03 -49.28
N SER B 175 -8.27 18.95 -49.32
CA SER B 175 -8.77 17.60 -49.40
C SER B 175 -8.70 16.94 -48.03
N ILE B 176 -9.60 15.98 -47.80
CA ILE B 176 -9.59 15.21 -46.56
C ILE B 176 -9.70 13.75 -46.94
N ARG B 177 -8.96 12.89 -46.27
CA ARG B 177 -9.22 11.45 -46.36
C ARG B 177 -9.39 10.88 -44.94
N ILE B 178 -10.38 10.00 -44.75
CA ILE B 178 -10.53 9.32 -43.48
C ILE B 178 -10.67 7.84 -43.72
N TRP B 179 -10.31 7.08 -42.71
CA TRP B 179 -10.32 5.63 -42.76
C TRP B 179 -10.95 5.08 -41.49
N PHE B 180 -11.73 4.02 -41.66
CA PHE B 180 -12.38 3.37 -40.56
C PHE B 180 -12.80 1.97 -40.99
N GLN B 181 -13.39 1.24 -40.05
CA GLN B 181 -13.71 -0.16 -40.25
C GLN B 181 -15.21 -0.30 -40.30
N THR B 182 -15.71 -1.03 -41.28
CA THR B 182 -17.14 -1.30 -41.38
C THR B 182 -17.51 -2.63 -40.68
N ASP B 183 -18.81 -2.87 -40.53
CA ASP B 183 -19.36 -4.06 -39.86
C ASP B 183 -18.86 -5.38 -40.40
N ASP B 184 -18.56 -5.42 -41.69
CA ASP B 184 -17.97 -6.60 -42.31
C ASP B 184 -16.49 -6.81 -42.00
N LEU B 185 -15.93 -5.95 -41.13
CA LEU B 185 -14.55 -6.00 -40.65
C LEU B 185 -13.48 -5.48 -41.66
N LYS B 186 -13.92 -5.02 -42.84
CA LYS B 186 -13.02 -4.37 -43.80
C LYS B 186 -12.59 -3.01 -43.29
N LEU B 187 -11.45 -2.55 -43.80
CA LEU B 187 -10.98 -1.21 -43.60
C LEU B 187 -11.23 -0.45 -44.89
N VAL B 188 -11.85 0.72 -44.76
CA VAL B 188 -12.27 1.51 -45.88
C VAL B 188 -11.82 2.96 -45.76
N GLN B 189 -11.80 3.63 -46.90
CA GLN B 189 -11.49 5.05 -47.01
C GLN B 189 -12.73 5.82 -47.48
N ARG B 190 -12.95 6.98 -46.88
CA ARG B 190 -13.83 8.00 -47.44
C ARG B 190 -13.01 9.24 -47.77
N ALA B 191 -13.47 10.00 -48.75
CA ALA B 191 -12.65 11.03 -49.37
C ALA B 191 -13.45 12.30 -49.66
N TYR B 192 -12.86 13.43 -49.32
CA TYR B 192 -13.37 14.75 -49.66
C TYR B 192 -12.38 15.49 -50.54
N ASP B 193 -12.82 15.97 -51.71
CA ASP B 193 -12.06 16.93 -52.51
C ASP B 193 -12.90 18.21 -52.59
N PRO B 194 -12.26 19.37 -52.70
CA PRO B 194 -13.00 20.63 -52.54
C PRO B 194 -13.98 20.94 -53.70
N HIS B 195 -13.62 20.51 -54.90
CA HIS B 195 -14.51 20.66 -56.06
C HIS B 195 -15.75 19.78 -56.01
N LYS B 196 -15.60 18.53 -55.57
CA LYS B 196 -16.71 17.57 -55.55
C LYS B 196 -17.45 17.45 -54.22
N GLY B 197 -16.76 17.72 -53.12
CA GLY B 197 -17.29 17.39 -51.81
C GLY B 197 -16.90 15.96 -51.46
N TRP B 198 -17.73 15.29 -50.67
CA TRP B 198 -17.43 13.89 -50.30
C TRP B 198 -17.79 12.94 -51.43
N TYR B 199 -16.80 12.17 -51.89
CA TYR B 199 -17.08 11.11 -52.85
C TYR B 199 -18.07 10.15 -52.16
N PRO B 200 -19.04 9.62 -52.91
CA PRO B 200 -20.09 8.79 -52.32
C PRO B 200 -19.63 7.37 -51.92
N ASP B 201 -18.57 6.86 -52.57
CA ASP B 201 -18.21 5.46 -52.37
CA ASP B 201 -18.10 5.46 -52.46
C ASP B 201 -17.16 5.25 -51.27
N LEU B 202 -17.23 4.07 -50.65
CA LEU B 202 -16.19 3.59 -49.73
C LEU B 202 -15.15 2.87 -50.57
N VAL B 203 -13.86 3.10 -50.30
CA VAL B 203 -12.79 2.42 -51.02
C VAL B 203 -12.10 1.47 -50.05
N THR B 204 -12.09 0.18 -50.36
CA THR B 204 -11.50 -0.80 -49.45
C THR B 204 -9.99 -0.73 -49.49
N ILE B 205 -9.35 -0.60 -48.31
CA ILE B 205 -7.89 -0.66 -48.19
C ILE B 205 -7.36 -1.96 -47.59
N PHE B 206 -8.21 -2.71 -46.89
CA PHE B 206 -7.84 -4.01 -46.35
C PHE B 206 -9.10 -4.86 -46.15
N ASP B 207 -9.04 -6.13 -46.56
CA ASP B 207 -10.24 -6.97 -46.61
C ASP B 207 -10.78 -7.37 -45.26
N ARG B 208 -9.90 -7.64 -44.30
CA ARG B 208 -10.37 -8.08 -43.01
C ARG B 208 -9.34 -7.81 -41.95
N ALA B 209 -9.74 -7.04 -40.95
CA ALA B 209 -8.87 -6.65 -39.86
C ALA B 209 -9.51 -6.99 -38.52
N PRO B 210 -8.70 -7.04 -37.43
CA PRO B 210 -9.28 -7.33 -36.14
C PRO B 210 -10.35 -6.30 -35.76
N PRO B 211 -11.37 -6.76 -35.04
CA PRO B 211 -12.40 -5.82 -34.60
C PRO B 211 -11.86 -4.69 -33.72
N ARG B 212 -12.23 -3.45 -34.08
CA ARG B 212 -11.79 -2.24 -33.37
C ARG B 212 -10.27 -2.03 -33.39
N THR B 213 -9.61 -2.57 -34.40
CA THR B 213 -8.18 -2.36 -34.55
C THR B 213 -7.84 -0.86 -34.65
N ALA B 214 -6.69 -0.49 -34.10
CA ALA B 214 -6.18 0.88 -34.22
C ALA B 214 -5.96 1.25 -35.69
N ILE B 215 -6.27 2.49 -36.06
CA ILE B 215 -6.06 2.97 -37.42
C ILE B 215 -5.45 4.36 -37.33
N ALA B 216 -4.35 4.59 -38.04
CA ALA B 216 -3.68 5.89 -38.01
C ALA B 216 -3.16 6.19 -39.41
N ALA B 217 -3.18 7.46 -39.81
CA ALA B 217 -2.81 7.82 -41.18
C ALA B 217 -2.05 9.13 -41.26
N THR B 218 -1.24 9.22 -42.31
CA THR B 218 -0.54 10.45 -42.66
C THR B 218 -0.51 10.66 -44.19
N SER B 219 -0.20 11.88 -44.61
CA SER B 219 -0.01 12.18 -46.01
C SER B 219 1.10 13.17 -46.14
N PHE B 220 1.72 13.19 -47.30
CA PHE B 220 2.81 14.11 -47.57
C PHE B 220 3.01 14.29 -49.07
N GLY B 221 3.75 15.33 -49.45
CA GLY B 221 4.21 15.49 -50.82
C GLY B 221 3.12 15.87 -51.80
N ALA B 222 2.18 16.70 -51.36
CA ALA B 222 1.10 17.11 -52.24
C ALA B 222 1.68 17.93 -53.38
N GLY B 223 1.23 17.64 -54.60
CA GLY B 223 1.58 18.44 -55.77
C GLY B 223 0.36 18.58 -56.63
N ASN B 224 0.57 18.67 -57.94
CA ASN B 224 -0.54 18.87 -58.88
C ASN B 224 -1.28 17.56 -59.08
N SER B 225 -2.48 17.48 -58.50
CA SER B 225 -3.29 16.28 -58.54
C SER B 225 -2.51 15.04 -58.10
N SER B 226 -1.56 15.24 -57.16
CA SER B 226 -0.72 14.16 -56.64
C SER B 226 -0.57 14.20 -55.11
N ILE B 227 -0.49 13.02 -54.50
CA ILE B 227 -0.35 12.89 -53.05
C ILE B 227 0.25 11.53 -52.74
N TYR B 228 0.84 11.41 -51.56
CA TYR B 228 1.33 10.15 -50.99
C TYR B 228 0.70 9.99 -49.61
N MET B 229 0.23 8.80 -49.30
CA MET B 229 -0.44 8.55 -48.02
C MET B 229 0.00 7.20 -47.48
N ARG B 230 -0.03 7.04 -46.17
CA ARG B 230 0.24 5.75 -45.54
C ARG B 230 -0.76 5.58 -44.41
N ILE B 231 -1.36 4.41 -44.35
CA ILE B 231 -2.32 4.06 -43.30
C ILE B 231 -1.74 2.87 -42.53
N TYR B 232 -1.84 2.94 -41.21
CA TYR B 232 -1.30 1.94 -40.29
C TYR B 232 -2.43 1.35 -39.47
N PHE B 233 -2.42 0.05 -39.30
CA PHE B 233 -3.37 -0.61 -38.39
C PHE B 233 -2.73 -1.80 -37.70
N VAL B 234 -3.36 -2.32 -36.66
CA VAL B 234 -2.81 -3.48 -35.99
C VAL B 234 -3.47 -4.71 -36.58
N ASN B 235 -2.68 -5.58 -37.21
CA ASN B 235 -3.21 -6.78 -37.84
C ASN B 235 -3.36 -7.94 -36.83
N SER B 236 -3.94 -9.04 -37.32
CA SER B 236 -4.20 -10.19 -36.47
C SER B 236 -2.93 -10.92 -36.07
N ASP B 237 -1.82 -10.58 -36.72
CA ASP B 237 -0.53 -11.11 -36.34
C ASP B 237 0.19 -10.33 -35.24
N ASN B 238 -0.52 -9.44 -34.55
CA ASN B 238 0.03 -8.56 -33.51
C ASN B 238 1.23 -7.77 -34.02
N THR B 239 1.07 -7.23 -35.21
CA THR B 239 2.03 -6.30 -35.80
C THR B 239 1.27 -5.14 -36.42
N ILE B 240 1.93 -3.98 -36.48
CA ILE B 240 1.45 -2.89 -37.32
C ILE B 240 1.71 -3.26 -38.77
N TRP B 241 0.65 -3.12 -39.59
CA TRP B 241 0.74 -3.17 -41.04
C TRP B 241 0.57 -1.76 -41.62
N GLN B 242 1.22 -1.55 -42.76
CA GLN B 242 1.15 -0.30 -43.50
C GLN B 242 0.43 -0.57 -44.83
N VAL B 243 -0.51 0.29 -45.18
CA VAL B 243 -1.07 0.35 -46.51
C VAL B 243 -0.54 1.64 -47.18
N CYS B 244 -0.03 1.50 -48.40
CA CYS B 244 0.63 2.62 -49.06
CA CYS B 244 0.63 2.61 -49.13
C CYS B 244 -0.15 3.12 -50.30
N TRP B 245 -0.37 4.43 -50.33
CA TRP B 245 -0.79 5.14 -51.52
C TRP B 245 0.44 5.91 -52.03
N ASP B 246 0.84 5.63 -53.26
CA ASP B 246 1.88 6.40 -53.91
C ASP B 246 1.33 6.94 -55.21
N HIS B 247 1.60 8.22 -55.48
CA HIS B 247 1.15 8.83 -56.73
C HIS B 247 1.66 8.01 -57.92
N GLY B 248 0.75 7.78 -58.87
CA GLY B 248 1.04 6.99 -60.06
C GLY B 248 0.82 5.50 -59.87
N LYS B 249 0.73 5.06 -58.61
CA LYS B 249 0.55 3.64 -58.28
C LYS B 249 -0.75 3.34 -57.54
N GLY B 250 -1.38 4.36 -56.95
CA GLY B 250 -2.55 4.15 -56.12
C GLY B 250 -2.21 3.30 -54.89
N TYR B 251 -3.20 2.52 -54.45
CA TYR B 251 -3.06 1.66 -53.28
C TYR B 251 -2.41 0.34 -53.71
N HIS B 252 -1.08 0.33 -53.71
CA HIS B 252 -0.29 -0.67 -54.43
C HIS B 252 0.44 -1.67 -53.52
N ASP B 253 0.52 -1.38 -52.24
CA ASP B 253 1.25 -2.26 -51.34
C ASP B 253 0.66 -2.28 -49.97
N LYS B 254 0.81 -3.43 -49.33
CA LYS B 254 0.52 -3.58 -47.91
C LYS B 254 1.46 -4.63 -47.33
N GLY B 255 1.85 -4.45 -46.08
CA GLY B 255 2.82 -5.32 -45.46
C GLY B 255 3.05 -4.96 -44.03
N THR B 256 3.65 -5.89 -43.31
CA THR B 256 3.97 -5.68 -41.90
C THR B 256 5.12 -4.67 -41.72
N ILE B 257 5.09 -3.98 -40.57
CA ILE B 257 6.07 -2.98 -40.24
C ILE B 257 6.83 -3.39 -38.97
N THR B 258 6.15 -3.61 -37.86
CA THR B 258 6.84 -3.91 -36.59
C THR B 258 5.85 -4.57 -35.60
N PRO B 259 6.37 -5.45 -34.72
CA PRO B 259 5.51 -6.05 -33.72
C PRO B 259 4.99 -5.08 -32.68
N VAL B 260 3.80 -5.37 -32.15
CA VAL B 260 3.22 -4.58 -31.08
C VAL B 260 2.55 -5.51 -30.08
N ILE B 261 2.22 -4.97 -28.92
CA ILE B 261 1.40 -5.70 -27.97
C ILE B 261 0.01 -5.92 -28.56
N GLN B 262 -0.64 -7.00 -28.12
CA GLN B 262 -2.02 -7.18 -28.42
C GLN B 262 -2.80 -5.89 -28.06
N GLY B 263 -3.55 -5.39 -29.02
CA GLY B 263 -4.41 -4.22 -28.85
C GLY B 263 -3.68 -2.88 -28.63
N SER B 264 -2.42 -2.80 -29.04
CA SER B 264 -1.70 -1.52 -29.05
C SER B 264 -2.47 -0.48 -29.87
N GLU B 265 -2.43 0.77 -29.41
CA GLU B 265 -2.82 1.91 -30.24
C GLU B 265 -1.60 2.35 -31.06
N VAL B 266 -1.83 3.25 -32.01
CA VAL B 266 -0.80 3.62 -32.97
C VAL B 266 -0.94 5.10 -33.30
N ALA B 267 0.19 5.80 -33.43
CA ALA B 267 0.22 7.16 -33.97
C ALA B 267 1.30 7.23 -35.01
N ILE B 268 1.10 8.12 -35.98
CA ILE B 268 2.04 8.35 -37.10
C ILE B 268 2.21 9.85 -37.30
N ILE B 269 3.44 10.26 -37.58
CA ILE B 269 3.74 11.61 -38.09
C ILE B 269 4.72 11.48 -39.27
N SER B 270 4.73 12.48 -40.13
CA SER B 270 5.64 12.54 -41.24
C SER B 270 6.10 13.99 -41.46
N TRP B 271 7.19 14.11 -42.20
CA TRP B 271 7.65 15.40 -42.68
C TRP B 271 8.52 15.22 -43.92
N GLY B 272 8.51 16.24 -44.77
CA GLY B 272 9.25 16.22 -46.02
C GLY B 272 8.49 15.53 -47.12
N SER B 273 9.18 15.31 -48.22
CA SER B 273 8.62 14.75 -49.43
C SER B 273 9.74 14.01 -50.17
N PHE B 274 9.35 13.20 -51.15
CA PHE B 274 10.32 12.55 -52.00
C PHE B 274 11.18 13.52 -52.77
N ALA B 275 10.60 14.63 -53.19
CA ALA B 275 11.35 15.67 -53.88
C ALA B 275 12.51 16.20 -53.04
N ASN B 276 12.34 16.28 -51.72
CA ASN B 276 13.34 16.90 -50.83
C ASN B 276 13.96 15.88 -49.84
N ASN B 277 14.42 14.76 -50.38
CA ASN B 277 15.11 13.73 -49.61
C ASN B 277 14.33 13.23 -48.39
N GLY B 278 13.04 13.09 -48.57
CA GLY B 278 12.16 12.52 -47.55
C GLY B 278 11.25 11.50 -48.18
N PRO B 279 10.14 11.18 -47.51
CA PRO B 279 9.75 11.72 -46.23
C PRO B 279 10.58 11.12 -45.08
N ASP B 280 10.34 11.64 -43.89
CA ASP B 280 10.63 10.97 -42.64
C ASP B 280 9.30 10.56 -42.06
N LEU B 281 9.27 9.36 -41.49
CA LEU B 281 8.10 8.83 -40.76
C LEU B 281 8.48 8.46 -39.36
N ARG B 282 7.58 8.67 -38.41
CA ARG B 282 7.75 8.11 -37.07
C ARG B 282 6.41 7.54 -36.62
N LEU B 283 6.47 6.29 -36.20
CA LEU B 283 5.34 5.58 -35.59
C LEU B 283 5.56 5.44 -34.11
N TYR B 284 4.48 5.58 -33.33
CA TYR B 284 4.52 5.36 -31.87
C TYR B 284 3.45 4.34 -31.50
N PHE B 285 3.79 3.46 -30.56
CA PHE B 285 2.99 2.29 -30.24
C PHE B 285 3.55 1.67 -28.97
N GLN B 286 2.92 0.62 -28.44
CA GLN B 286 3.50 -0.18 -27.36
C GLN B 286 3.87 -1.56 -27.92
N ASN B 287 5.11 -1.98 -27.70
CA ASN B 287 5.55 -3.30 -28.13
C ASN B 287 6.06 -4.15 -26.96
N GLY B 288 5.81 -3.71 -25.73
CA GLY B 288 6.21 -4.43 -24.52
C GLY B 288 7.53 -4.00 -23.90
N THR B 289 8.14 -2.95 -24.45
CA THR B 289 9.38 -2.42 -23.85
C THR B 289 9.12 -1.89 -22.46
N TYR B 290 9.85 -2.39 -21.46
CA TYR B 290 9.57 -2.06 -20.06
C TYR B 290 8.09 -2.29 -19.75
N ILE B 291 7.52 -3.29 -20.42
CA ILE B 291 6.12 -3.69 -20.30
C ILE B 291 5.18 -2.66 -20.92
N SER B 292 5.18 -1.44 -20.39
CA SER B 292 4.18 -0.45 -20.74
C SER B 292 4.72 0.82 -21.38
N ALA B 293 6.03 0.87 -21.68
CA ALA B 293 6.54 2.07 -22.34
C ALA B 293 6.04 2.18 -23.79
N VAL B 294 6.01 3.42 -24.27
CA VAL B 294 5.77 3.71 -25.67
C VAL B 294 7.11 3.61 -26.38
N SER B 295 7.10 2.96 -27.55
CA SER B 295 8.26 2.84 -28.44
C SER B 295 8.04 3.56 -29.75
N GLU B 296 9.14 3.79 -30.48
CA GLU B 296 9.15 4.52 -31.73
C GLU B 296 9.72 3.66 -32.87
N TRP B 297 9.15 3.80 -34.06
CA TRP B 297 9.75 3.23 -35.27
C TRP B 297 10.04 4.35 -36.23
N VAL B 298 11.13 4.21 -36.99
CA VAL B 298 11.67 5.28 -37.82
C VAL B 298 11.74 4.83 -39.27
N TRP B 299 11.35 5.71 -40.19
CA TRP B 299 11.74 5.52 -41.59
C TRP B 299 12.35 6.80 -42.11
N ASN B 300 13.47 6.65 -42.80
CA ASN B 300 14.02 7.75 -43.60
C ASN B 300 14.66 7.30 -44.90
N ARG B 301 14.95 8.28 -45.75
CA ARG B 301 15.62 8.00 -47.02
C ARG B 301 17.04 7.46 -46.82
N ALA B 302 17.78 7.97 -45.83
CA ALA B 302 19.19 7.61 -45.69
C ALA B 302 19.34 6.15 -45.30
N HIS B 303 18.58 5.69 -44.32
CA HIS B 303 18.80 4.39 -43.72
C HIS B 303 17.61 3.43 -43.80
N GLY B 304 16.42 3.90 -44.19
CA GLY B 304 15.27 2.99 -44.32
C GLY B 304 14.57 2.74 -42.99
N SER B 305 14.13 1.50 -42.79
CA SER B 305 13.30 1.12 -41.65
C SER B 305 14.12 0.68 -40.43
N GLN B 306 13.93 1.32 -39.29
CA GLN B 306 14.57 0.85 -38.04
C GLN B 306 13.74 1.21 -36.85
N LEU B 307 13.87 0.42 -35.79
CA LEU B 307 13.32 0.85 -34.51
C LEU B 307 14.10 2.09 -34.03
N GLY B 308 13.38 3.05 -33.50
CA GLY B 308 13.97 4.26 -32.96
C GLY B 308 14.09 4.20 -31.44
N ARG B 309 13.69 5.28 -30.78
CA ARG B 309 13.72 5.36 -29.32
C ARG B 309 12.98 4.14 -28.73
N SER B 310 13.68 3.36 -27.89
CA SER B 310 13.11 2.13 -27.31
C SER B 310 11.94 2.41 -26.40
N ALA B 311 12.10 3.42 -25.57
CA ALA B 311 11.13 3.73 -24.55
C ALA B 311 11.08 5.24 -24.41
N LEU B 312 9.97 5.82 -24.75
CA LEU B 312 9.82 7.26 -24.65
C LEU B 312 9.77 7.70 -23.18
N PRO B 313 10.18 8.94 -22.91
CA PRO B 313 9.89 9.51 -21.62
C PRO B 313 8.42 9.29 -21.26
N PRO B 314 8.12 9.01 -20.00
CA PRO B 314 8.97 9.06 -18.80
C PRO B 314 9.73 7.78 -18.47
N ALA B 315 9.79 6.82 -19.39
CA ALA B 315 10.35 5.50 -19.05
C ALA B 315 11.82 5.59 -18.69
N SER C 2 9.24 -0.43 4.85
CA SER C 2 8.98 -1.59 5.73
C SER C 2 8.55 -2.83 4.92
N THR C 3 8.02 -3.85 5.59
CA THR C 3 7.31 -4.94 4.94
C THR C 3 6.01 -5.18 5.70
N PRO C 4 5.00 -5.79 5.02
CA PRO C 4 3.75 -6.02 5.75
C PRO C 4 3.92 -6.88 6.97
N GLY C 5 4.78 -7.88 6.88
CA GLY C 5 5.12 -8.70 8.05
C GLY C 5 5.75 -7.90 9.18
N ALA C 6 6.74 -7.07 8.85
CA ALA C 6 7.42 -6.28 9.87
C ALA C 6 6.43 -5.35 10.59
N GLN C 7 5.49 -4.82 9.81
CA GLN C 7 4.43 -3.94 10.32
C GLN C 7 3.51 -4.57 11.36
N GLN C 8 3.51 -5.89 11.44
CA GLN C 8 2.67 -6.59 12.41
CA GLN C 8 2.68 -6.60 12.41
C GLN C 8 3.32 -6.65 13.78
N VAL C 9 4.63 -6.34 13.86
CA VAL C 9 5.38 -6.42 15.12
C VAL C 9 5.24 -5.11 15.90
N LEU C 10 4.83 -5.17 17.16
CA LEU C 10 4.65 -3.95 17.95
C LEU C 10 5.98 -3.21 18.15
N PHE C 11 5.97 -1.89 17.94
CA PHE C 11 7.18 -1.07 18.13
C PHE C 11 7.50 -1.05 19.63
N ARG C 12 8.73 -1.38 19.98
CA ARG C 12 9.16 -1.56 21.39
C ARG C 12 8.44 -2.75 22.07
N THR C 13 8.06 -3.73 21.27
CA THR C 13 7.57 -5.00 21.80
C THR C 13 8.51 -5.57 22.84
N GLY C 14 7.93 -6.18 23.87
CA GLY C 14 8.71 -7.10 24.71
C GLY C 14 9.23 -8.24 23.82
N ILE C 15 10.42 -8.75 24.15
CA ILE C 15 11.04 -9.84 23.40
C ILE C 15 11.58 -10.87 24.36
N ALA C 16 11.38 -12.15 24.05
CA ALA C 16 11.97 -13.22 24.81
C ALA C 16 12.44 -14.30 23.84
N ALA C 17 13.42 -15.07 24.28
CA ALA C 17 13.97 -16.13 23.47
C ALA C 17 14.31 -17.34 24.33
N VAL C 18 14.15 -18.53 23.76
CA VAL C 18 14.60 -19.77 24.40
C VAL C 18 15.26 -20.63 23.34
N ASN C 19 15.95 -21.66 23.78
CA ASN C 19 16.70 -22.52 22.88
C ASN C 19 17.08 -23.84 23.49
N SER C 20 17.35 -24.79 22.58
CA SER C 20 18.14 -26.00 22.88
C SER C 20 19.23 -25.99 21.84
N THR C 21 20.49 -25.83 22.30
CA THR C 21 21.61 -25.45 21.42
C THR C 21 21.10 -24.51 20.33
N ASN C 22 21.21 -24.86 19.05
CA ASN C 22 20.86 -23.93 17.99
C ASN C 22 19.45 -24.07 17.42
N HIS C 23 18.56 -24.70 18.18
CA HIS C 23 17.15 -24.75 17.90
C HIS C 23 16.51 -23.60 18.70
N LEU C 24 15.98 -22.62 17.99
CA LEU C 24 15.63 -21.34 18.62
C LEU C 24 14.15 -21.02 18.54
N ARG C 25 13.62 -20.38 19.58
CA ARG C 25 12.31 -19.77 19.55
C ARG C 25 12.38 -18.35 20.08
N VAL C 26 11.69 -17.44 19.41
CA VAL C 26 11.61 -16.05 19.83
C VAL C 26 10.17 -15.60 19.93
N TYR C 27 9.85 -14.90 21.04
CA TYR C 27 8.51 -14.43 21.33
C TYR C 27 8.47 -12.93 21.29
N PHE C 28 7.40 -12.40 20.70
CA PHE C 28 7.17 -10.97 20.64
C PHE C 28 5.68 -10.70 20.60
N GLN C 29 5.32 -9.44 20.75
CA GLN C 29 3.92 -9.07 20.73
C GLN C 29 3.61 -8.38 19.42
N ASP C 30 2.46 -8.73 18.83
CA ASP C 30 2.02 -8.08 17.60
C ASP C 30 1.19 -6.83 17.93
N VAL C 31 0.84 -6.07 16.89
CA VAL C 31 0.19 -4.78 17.10
C VAL C 31 -1.19 -4.92 17.71
N TYR C 32 -1.77 -6.13 17.65
CA TYR C 32 -3.09 -6.39 18.24
C TYR C 32 -3.02 -6.89 19.66
N GLY C 33 -1.82 -7.14 20.15
CA GLY C 33 -1.60 -7.56 21.54
C GLY C 33 -1.41 -9.06 21.73
N SER C 34 -1.47 -9.81 20.64
CA SER C 34 -1.24 -11.26 20.68
C SER C 34 0.26 -11.52 20.78
N ILE C 35 0.60 -12.57 21.51
CA ILE C 35 1.98 -13.02 21.62
C ILE C 35 2.19 -14.10 20.56
N ARG C 36 3.22 -13.91 19.75
CA ARG C 36 3.57 -14.82 18.67
C ARG C 36 4.95 -15.43 18.85
N GLU C 37 5.17 -16.54 18.12
CA GLU C 37 6.42 -17.28 18.16
C GLU C 37 7.01 -17.40 16.77
N SER C 38 8.26 -17.00 16.64
CA SER C 38 9.06 -17.30 15.48
C SER C 38 10.04 -18.38 15.86
N LEU C 39 10.48 -19.14 14.86
CA LEU C 39 11.37 -20.23 15.13
C LEU C 39 12.52 -20.36 14.16
N TYR C 40 13.59 -20.96 14.66
CA TYR C 40 14.72 -21.35 13.85
C TYR C 40 14.96 -22.84 14.03
N GLU C 41 14.80 -23.58 12.94
CA GLU C 41 15.11 -25.02 12.89
C GLU C 41 15.82 -25.20 11.60
N GLY C 42 17.10 -24.83 11.62
CA GLY C 42 17.93 -24.78 10.41
C GLY C 42 17.68 -23.61 9.49
N SER C 43 16.49 -23.01 9.58
CA SER C 43 16.18 -21.76 8.95
C SER C 43 15.03 -21.12 9.75
N TRP C 44 14.82 -19.83 9.54
CA TRP C 44 13.76 -19.06 10.21
C TRP C 44 12.36 -19.26 9.61
N ALA C 45 11.34 -19.29 10.47
CA ALA C 45 9.95 -19.40 10.05
C ALA C 45 9.00 -18.85 11.08
N ASN C 46 7.74 -18.73 10.66
CA ASN C 46 6.61 -18.50 11.56
C ASN C 46 6.50 -17.03 11.95
N GLY C 47 6.11 -16.72 13.18
CA GLY C 47 5.86 -15.34 13.56
C GLY C 47 4.61 -14.70 12.96
N THR C 48 3.74 -15.51 12.35
CA THR C 48 2.55 -15.01 11.67
C THR C 48 1.37 -15.12 12.60
N GLU C 49 0.21 -14.67 12.12
CA GLU C 49 -1.01 -14.74 12.89
C GLU C 49 -1.41 -16.18 13.23
N LYS C 50 -0.90 -17.15 12.47
CA LYS C 50 -1.09 -18.57 12.73
C LYS C 50 -0.27 -19.06 13.92
N ASN C 51 0.68 -18.24 14.38
CA ASN C 51 1.66 -18.65 15.36
C ASN C 51 1.46 -17.91 16.68
N VAL C 52 0.20 -17.61 16.98
CA VAL C 52 -0.17 -16.92 18.20
C VAL C 52 -0.28 -17.94 19.34
N ILE C 53 0.33 -17.64 20.50
CA ILE C 53 0.28 -18.56 21.66
C ILE C 53 -0.61 -18.07 22.82
N GLY C 54 -1.14 -16.86 22.66
CA GLY C 54 -1.99 -16.24 23.68
C GLY C 54 -2.01 -14.73 23.49
N ASN C 55 -2.74 -14.03 24.37
CA ASN C 55 -2.86 -12.57 24.31
C ASN C 55 -2.50 -11.93 25.62
N ALA C 56 -1.99 -10.70 25.55
CA ALA C 56 -1.59 -9.98 26.76
C ALA C 56 -1.92 -8.50 26.60
N LYS C 57 -1.90 -7.74 27.70
CA LYS C 57 -2.12 -6.30 27.58
C LYS C 57 -1.10 -5.69 26.62
N LEU C 58 -1.55 -4.70 25.85
CA LEU C 58 -0.66 -4.10 24.87
C LEU C 58 0.50 -3.41 25.59
N GLY C 59 1.72 -3.72 25.17
CA GLY C 59 2.90 -3.15 25.82
C GLY C 59 3.42 -4.04 26.92
N SER C 60 2.81 -5.21 27.11
CA SER C 60 3.22 -6.11 28.18
C SER C 60 4.70 -6.51 28.11
N PRO C 61 5.36 -6.71 29.27
CA PRO C 61 6.62 -7.44 29.17
C PRO C 61 6.39 -8.84 28.59
N VAL C 62 7.44 -9.43 28.03
CA VAL C 62 7.40 -10.77 27.49
C VAL C 62 8.68 -11.44 27.98
N ALA C 63 8.54 -12.49 28.79
CA ALA C 63 9.68 -13.26 29.28
C ALA C 63 9.44 -14.73 29.00
N ALA C 64 10.51 -15.49 28.85
CA ALA C 64 10.39 -16.89 28.56
C ALA C 64 11.58 -17.69 29.06
N THR C 65 11.31 -18.95 29.40
CA THR C 65 12.36 -19.86 29.82
C THR C 65 11.97 -21.27 29.37
N SER C 66 12.95 -22.15 29.26
CA SER C 66 12.68 -23.50 28.79
C SER C 66 13.60 -24.53 29.36
N LYS C 67 13.17 -25.78 29.24
CA LYS C 67 14.01 -26.95 29.48
C LYS C 67 14.13 -27.62 28.11
N GLU C 68 15.32 -27.46 27.52
CA GLU C 68 15.51 -27.62 26.08
C GLU C 68 14.35 -26.92 25.36
N LEU C 69 13.76 -27.54 24.33
CA LEU C 69 12.49 -27.07 23.77
C LEU C 69 11.37 -28.07 24.08
N LYS C 70 11.59 -28.89 25.10
CA LYS C 70 10.55 -29.79 25.58
C LYS C 70 9.48 -29.08 26.40
N HIS C 71 9.91 -28.13 27.21
CA HIS C 71 9.03 -27.38 28.10
C HIS C 71 9.38 -25.93 27.92
N ILE C 72 8.42 -25.12 27.44
CA ILE C 72 8.59 -23.67 27.33
C ILE C 72 7.51 -23.00 28.16
N ARG C 73 7.87 -21.92 28.84
CA ARG C 73 6.90 -21.11 29.58
C ARG C 73 7.13 -19.65 29.21
N VAL C 74 6.05 -18.96 28.82
CA VAL C 74 6.10 -17.56 28.41
C VAL C 74 5.22 -16.76 29.35
N TYR C 75 5.79 -15.69 29.90
CA TYR C 75 5.17 -14.89 30.95
C TYR C 75 4.90 -13.47 30.47
N THR C 76 3.68 -13.01 30.74
CA THR C 76 3.22 -11.69 30.34
C THR C 76 2.20 -11.21 31.37
N LEU C 77 1.70 -9.99 31.16
CA LEU C 77 0.66 -9.40 32.03
C LEU C 77 -0.68 -9.41 31.36
N THR C 78 -1.71 -9.74 32.13
CA THR C 78 -3.09 -9.63 31.68
C THR C 78 -3.49 -8.15 31.68
N GLU C 79 -4.67 -7.86 31.14
CA GLU C 79 -5.23 -6.52 31.20
C GLU C 79 -5.46 -6.06 32.65
N GLY C 80 -5.67 -7.00 33.56
CA GLY C 80 -5.78 -6.70 35.00
C GLY C 80 -4.48 -6.64 35.78
N ASN C 81 -3.34 -6.64 35.07
CA ASN C 81 -2.02 -6.52 35.69
C ASN C 81 -1.71 -7.65 36.68
N THR C 82 -2.16 -8.84 36.30
CA THR C 82 -1.76 -10.03 36.99
C THR C 82 -0.81 -10.80 36.08
N LEU C 83 0.09 -11.54 36.71
CA LEU C 83 1.01 -12.40 35.97
C LEU C 83 0.23 -13.54 35.32
N GLN C 84 0.59 -13.89 34.09
CA GLN C 84 0.02 -15.07 33.42
C GLN C 84 1.11 -15.83 32.67
N GLU C 85 0.76 -17.04 32.21
CA GLU C 85 1.70 -18.02 31.68
C GLU C 85 1.08 -18.79 30.50
N PHE C 86 1.77 -18.80 29.36
CA PHE C 86 1.44 -19.67 28.23
C PHE C 86 2.48 -20.77 28.28
N ALA C 87 2.02 -22.01 28.36
CA ALA C 87 2.85 -23.18 28.62
C ALA C 87 2.85 -24.08 27.39
N TYR C 88 4.02 -24.60 27.05
CA TYR C 88 4.17 -25.59 25.98
C TYR C 88 4.88 -26.81 26.56
N ASP C 89 4.30 -27.99 26.42
CA ASP C 89 5.03 -29.24 26.62
C ASP C 89 4.98 -30.12 25.36
N SER C 90 6.10 -30.72 24.98
CA SER C 90 6.14 -31.55 23.77
C SER C 90 5.11 -32.67 23.91
N GLY C 91 4.37 -32.96 22.83
CA GLY C 91 3.31 -33.98 22.87
C GLY C 91 1.96 -33.39 23.26
N THR C 92 1.96 -32.31 24.03
CA THR C 92 0.73 -31.68 24.49
C THR C 92 0.37 -30.45 23.68
N GLY C 93 1.36 -29.63 23.33
CA GLY C 93 1.10 -28.38 22.67
C GLY C 93 1.04 -27.24 23.66
N TRP C 94 0.53 -26.09 23.19
CA TRP C 94 0.35 -24.88 24.00
C TRP C 94 -0.95 -24.87 24.77
N TYR C 95 -0.89 -24.39 26.02
CA TYR C 95 -2.06 -24.19 26.86
C TYR C 95 -1.86 -23.05 27.85
N ASN C 96 -2.96 -22.60 28.43
CA ASN C 96 -2.95 -21.56 29.44
C ASN C 96 -2.42 -22.18 30.71
N GLY C 97 -1.30 -21.66 31.22
CA GLY C 97 -0.65 -22.22 32.41
C GLY C 97 -1.35 -21.83 33.70
N GLY C 98 -1.03 -22.58 34.76
CA GLY C 98 -1.56 -22.40 36.09
C GLY C 98 -1.25 -21.08 36.76
N LEU C 99 -0.24 -20.34 36.28
CA LEU C 99 0.15 -19.14 37.00
C LEU C 99 -0.97 -18.12 37.15
N GLY C 100 -1.75 -17.93 36.08
CA GLY C 100 -2.78 -16.90 36.06
C GLY C 100 -3.82 -17.09 37.14
N GLY C 101 -4.10 -18.35 37.44
CA GLY C 101 -5.04 -18.73 38.49
C GLY C 101 -4.68 -18.25 39.88
N ALA C 102 -3.39 -18.01 40.13
CA ALA C 102 -2.94 -17.44 41.40
C ALA C 102 -3.26 -15.93 41.51
N LYS C 103 -3.54 -15.29 40.38
CA LYS C 103 -3.91 -13.87 40.30
C LYS C 103 -2.93 -12.98 41.07
N PHE C 104 -1.63 -13.17 40.83
CA PHE C 104 -0.63 -12.32 41.43
C PHE C 104 -0.68 -10.93 40.79
N GLN C 105 -1.08 -9.94 41.58
CA GLN C 105 -1.17 -8.55 41.15
C GLN C 105 0.17 -7.85 41.20
N VAL C 106 0.58 -7.26 40.08
CA VAL C 106 1.85 -6.57 40.02
C VAL C 106 1.64 -5.11 39.62
N ALA C 107 2.67 -4.29 39.73
CA ALA C 107 2.58 -2.92 39.26
C ALA C 107 2.20 -2.94 37.77
N PRO C 108 1.40 -1.98 37.32
CA PRO C 108 1.04 -1.98 35.91
C PRO C 108 2.25 -1.81 34.97
N TYR C 109 3.31 -1.21 35.50
CA TYR C 109 4.57 -0.98 34.76
C TYR C 109 5.62 -2.06 35.04
N SER C 110 5.21 -3.16 35.67
CA SER C 110 6.13 -4.23 36.00
C SER C 110 6.75 -4.86 34.75
N ILE C 112 9.10 -8.51 33.78
CA ILE C 112 9.10 -9.90 34.22
C ILE C 112 10.40 -10.56 33.78
N ALA C 113 10.95 -11.40 34.63
CA ALA C 113 12.01 -12.34 34.25
C ALA C 113 11.63 -13.71 34.77
N ALA C 114 12.15 -14.76 34.13
CA ALA C 114 11.75 -16.12 34.48
C ALA C 114 12.88 -17.07 34.20
N VAL C 115 13.04 -18.06 35.09
CA VAL C 115 14.01 -19.16 34.89
C VAL C 115 13.47 -20.50 35.38
N PHE C 116 13.77 -21.56 34.64
CA PHE C 116 13.76 -22.89 35.19
C PHE C 116 15.04 -23.04 36.00
N LEU C 117 14.96 -23.61 37.20
CA LEU C 117 16.14 -23.89 37.99
C LEU C 117 17.07 -24.88 37.29
N ALA C 118 18.35 -24.56 37.26
CA ALA C 118 19.37 -25.40 36.60
C ALA C 118 19.71 -26.64 37.40
N GLY C 119 20.17 -27.67 36.68
CA GLY C 119 20.78 -28.84 37.29
C GLY C 119 19.82 -29.86 37.88
N THR C 120 18.57 -29.82 37.44
CA THR C 120 17.58 -30.78 37.90
C THR C 120 16.63 -31.12 36.75
N ASP C 121 16.16 -32.38 36.74
CA ASP C 121 15.16 -32.79 35.76
C ASP C 121 13.76 -32.37 36.18
N ALA C 122 13.59 -31.96 37.44
CA ALA C 122 12.30 -31.49 37.89
C ALA C 122 12.01 -30.15 37.22
N LEU C 123 10.73 -29.85 37.05
CA LEU C 123 10.33 -28.56 36.47
C LEU C 123 10.06 -27.61 37.62
N GLN C 124 11.06 -26.79 37.93
CA GLN C 124 10.96 -25.81 39.00
C GLN C 124 11.21 -24.42 38.44
N LEU C 125 10.28 -23.51 38.73
CA LEU C 125 10.26 -22.18 38.11
C LEU C 125 10.39 -21.08 39.14
N ARG C 126 11.12 -20.03 38.77
CA ARG C 126 11.17 -18.79 39.53
C ARG C 126 10.91 -17.63 38.60
N ILE C 127 9.89 -16.85 38.93
CA ILE C 127 9.46 -15.70 38.16
C ILE C 127 9.71 -14.48 39.04
N TYR C 128 10.18 -13.39 38.41
CA TYR C 128 10.46 -12.13 39.09
C TYR C 128 9.66 -11.03 38.46
N ALA C 129 8.96 -10.26 39.29
CA ALA C 129 8.21 -9.11 38.81
C ALA C 129 8.22 -8.04 39.90
N GLN C 130 7.58 -6.91 39.63
CA GLN C 130 7.62 -5.81 40.57
C GLN C 130 6.25 -5.52 41.08
N LYS C 131 6.12 -5.58 42.40
CA LYS C 131 4.86 -5.30 43.07
C LYS C 131 4.49 -3.82 43.04
N PRO C 132 3.24 -3.49 43.40
CA PRO C 132 2.85 -2.07 43.47
C PRO C 132 3.66 -1.22 44.42
N ASP C 133 4.28 -1.83 45.43
CA ASP C 133 5.17 -1.10 46.33
C ASP C 133 6.59 -0.97 45.78
N ASN C 134 6.77 -1.34 44.50
CA ASN C 134 8.05 -1.28 43.79
C ASN C 134 9.15 -2.25 44.21
N THR C 135 8.82 -3.24 45.03
CA THR C 135 9.79 -4.23 45.39
C THR C 135 9.77 -5.31 44.33
N ILE C 136 10.91 -5.96 44.16
CA ILE C 136 11.05 -7.12 43.30
C ILE C 136 10.63 -8.37 44.07
N GLN C 137 9.58 -9.03 43.59
CA GLN C 137 9.06 -10.25 44.19
C GLN C 137 9.33 -11.46 43.31
N GLU C 138 9.85 -12.52 43.95
CA GLU C 138 9.99 -13.83 43.35
C GLU C 138 8.69 -14.61 43.56
N TYR C 139 8.28 -15.29 42.51
CA TYR C 139 7.13 -16.20 42.55
C TYR C 139 7.67 -17.59 42.15
N MET C 140 7.24 -18.64 42.87
CA MET C 140 7.87 -19.95 42.68
C MET C 140 6.90 -21.08 42.48
N TRP C 141 7.35 -22.05 41.67
CA TRP C 141 6.67 -23.32 41.46
C TRP C 141 7.71 -24.39 41.72
N ASN C 142 7.42 -25.28 42.68
CA ASN C 142 8.26 -26.41 42.96
C ASN C 142 7.59 -27.77 42.72
N GLY C 143 6.56 -27.79 41.88
CA GLY C 143 5.90 -29.03 41.47
C GLY C 143 4.47 -29.14 41.90
N ASP C 144 4.03 -28.34 42.87
CA ASP C 144 2.72 -28.54 43.49
C ASP C 144 2.09 -27.21 43.89
N GLY C 145 2.01 -26.28 42.94
CA GLY C 145 1.36 -25.00 43.18
C GLY C 145 2.29 -23.79 43.15
N TRP C 146 1.73 -22.65 42.75
CA TRP C 146 2.43 -21.38 42.85
C TRP C 146 2.27 -20.71 44.21
N LYS C 147 3.36 -20.12 44.70
CA LYS C 147 3.30 -19.24 45.85
C LYS C 147 4.37 -18.18 45.74
N GLU C 148 4.27 -17.14 46.55
CA GLU C 148 5.33 -16.14 46.64
C GLU C 148 6.59 -16.74 47.23
N GLY C 149 7.72 -16.39 46.63
CA GLY C 149 9.03 -16.80 47.09
C GLY C 149 9.67 -15.65 47.85
N THR C 150 10.95 -15.44 47.64
CA THR C 150 11.68 -14.39 48.35
C THR C 150 11.39 -12.99 47.77
N ASN C 151 11.12 -12.02 48.65
CA ASN C 151 11.06 -10.62 48.23
C ASN C 151 12.49 -10.07 48.22
N LEU C 152 12.86 -9.39 47.13
CA LEU C 152 14.26 -8.98 46.97
C LEU C 152 14.47 -7.49 47.10
N GLY C 153 13.48 -6.79 47.63
CA GLY C 153 13.65 -5.37 47.97
C GLY C 153 13.34 -4.40 46.86
N GLY C 154 13.49 -3.12 47.17
CA GLY C 154 13.07 -2.04 46.26
C GLY C 154 13.89 -1.93 44.99
N ALA C 155 13.20 -1.45 43.95
CA ALA C 155 13.85 -1.14 42.69
C ALA C 155 13.13 0.02 42.04
N LEU C 156 13.79 0.62 41.06
CA LEU C 156 13.24 1.70 40.26
C LEU C 156 11.91 1.26 39.68
N PRO C 157 10.87 2.09 39.78
CA PRO C 157 9.55 1.74 39.28
C PRO C 157 9.59 1.55 37.76
N GLY C 158 9.35 0.31 37.31
CA GLY C 158 9.33 -0.02 35.90
C GLY C 158 10.66 -0.56 35.43
N THR C 159 11.55 -0.89 36.37
CA THR C 159 12.83 -1.48 36.08
C THR C 159 12.72 -2.69 35.15
N GLY C 160 13.73 -2.84 34.28
CA GLY C 160 13.96 -4.07 33.59
C GLY C 160 14.42 -5.10 34.60
N ILE C 161 14.24 -6.37 34.25
CA ILE C 161 14.69 -7.43 35.11
C ILE C 161 15.30 -8.54 34.25
N GLY C 162 16.56 -8.86 34.56
CA GLY C 162 17.27 -9.96 33.92
C GLY C 162 17.43 -11.09 34.91
N ALA C 163 17.41 -12.35 34.45
CA ALA C 163 17.66 -13.50 35.34
C ALA C 163 18.29 -14.66 34.60
N THR C 164 19.09 -15.42 35.33
CA THR C 164 19.64 -16.68 34.84
C THR C 164 19.85 -17.67 35.99
N SER C 165 19.79 -18.97 35.67
CA SER C 165 20.08 -19.98 36.65
C SER C 165 21.14 -20.89 36.06
N PHE C 166 22.08 -21.31 36.89
CA PHE C 166 23.10 -22.27 36.51
C PHE C 166 23.42 -23.16 37.70
N ARG C 167 24.13 -24.27 37.43
CA ARG C 167 24.51 -25.18 38.51
C ARG C 167 26.00 -25.41 38.43
N TYR C 168 26.71 -24.96 39.46
CA TYR C 168 28.12 -25.28 39.63
C TYR C 168 28.25 -26.78 39.73
N THR C 169 29.25 -27.35 39.05
CA THR C 169 29.39 -28.81 38.98
C THR C 169 29.90 -29.44 40.27
N ASP C 170 30.38 -28.61 41.19
CA ASP C 170 30.79 -29.07 42.51
C ASP C 170 29.77 -28.73 43.59
N TYR C 171 28.59 -28.22 43.22
CA TYR C 171 27.50 -28.10 44.17
C TYR C 171 26.34 -28.99 43.77
N ASN C 172 25.40 -29.14 44.70
CA ASN C 172 24.18 -29.94 44.50
C ASN C 172 22.90 -29.14 44.65
N GLY C 173 22.85 -28.00 44.00
CA GLY C 173 21.65 -27.19 43.97
C GLY C 173 21.86 -26.07 42.98
N PRO C 174 20.77 -25.44 42.55
CA PRO C 174 20.84 -24.36 41.58
C PRO C 174 21.31 -23.02 42.16
N SER C 175 22.05 -22.29 41.34
CA SER C 175 22.31 -20.88 41.59
C SER C 175 21.38 -20.03 40.76
N ILE C 176 21.09 -18.83 41.26
CA ILE C 176 20.30 -17.83 40.52
C ILE C 176 21.02 -16.47 40.56
N ARG C 177 21.02 -15.75 39.44
CA ARG C 177 21.49 -14.37 39.45
C ARG C 177 20.42 -13.55 38.78
N ILE C 178 20.10 -12.39 39.39
CA ILE C 178 19.13 -11.47 38.80
C ILE C 178 19.72 -10.05 38.78
N TRP C 179 19.25 -9.27 37.81
CA TRP C 179 19.72 -7.91 37.63
C TRP C 179 18.55 -6.98 37.43
N PHE C 180 18.62 -5.80 38.04
CA PHE C 180 17.60 -4.77 37.91
C PHE C 180 18.23 -3.40 38.18
N GLN C 181 17.41 -2.36 38.12
CA GLN C 181 17.84 -0.99 38.22
C GLN C 181 17.25 -0.45 39.52
N THR C 182 18.09 0.23 40.29
CA THR C 182 17.64 0.85 41.54
C THR C 182 17.33 2.33 41.31
N ASP C 183 16.74 2.97 42.32
CA ASP C 183 16.23 4.34 42.20
C ASP C 183 17.29 5.37 41.84
N ASP C 184 18.54 5.06 42.20
CA ASP C 184 19.69 5.90 41.86
C ASP C 184 20.13 5.72 40.40
N LEU C 185 19.39 4.88 39.64
CA LEU C 185 19.64 4.57 38.21
C LEU C 185 20.80 3.59 37.90
N LYS C 186 21.47 3.09 38.94
CA LYS C 186 22.50 2.06 38.78
C LYS C 186 21.83 0.76 38.38
N LEU C 187 22.59 -0.10 37.71
CA LEU C 187 22.21 -1.48 37.46
C LEU C 187 22.94 -2.36 38.44
N VAL C 188 22.19 -3.24 39.08
CA VAL C 188 22.71 -4.10 40.13
C VAL C 188 22.36 -5.57 39.95
N GLN C 189 23.14 -6.40 40.61
CA GLN C 189 22.95 -7.84 40.68
C GLN C 189 22.56 -8.25 42.09
N ARG C 190 21.65 -9.21 42.17
CA ARG C 190 21.42 -10.02 43.35
C ARG C 190 21.68 -11.47 43.04
N ALA C 191 22.05 -12.23 44.07
CA ALA C 191 22.61 -13.55 43.88
C ALA C 191 22.12 -14.53 44.92
N TYR C 192 21.77 -15.71 44.41
CA TYR C 192 21.40 -16.88 45.19
C TYR C 192 22.35 -18.03 44.89
N ASP C 193 22.91 -18.62 45.93
CA ASP C 193 23.67 -19.89 45.83
C ASP C 193 22.96 -20.89 46.78
N PRO C 194 22.94 -22.18 46.42
CA PRO C 194 22.19 -23.19 47.18
C PRO C 194 22.67 -23.40 48.61
N HIS C 195 23.95 -23.19 48.84
CA HIS C 195 24.55 -23.37 50.16
C HIS C 195 24.39 -22.16 51.07
N LYS C 196 24.19 -20.97 50.47
CA LYS C 196 24.14 -19.71 51.19
C LYS C 196 22.76 -19.06 51.26
N GLY C 197 21.92 -19.32 50.28
CA GLY C 197 20.69 -18.56 50.11
C GLY C 197 20.97 -17.32 49.29
N TRP C 198 20.13 -16.30 49.46
CA TRP C 198 20.38 -15.02 48.82
C TRP C 198 21.46 -14.27 49.56
N TYR C 199 22.55 -13.96 48.87
CA TYR C 199 23.53 -13.05 49.42
C TYR C 199 22.78 -11.74 49.65
N PRO C 200 23.09 -11.05 50.76
CA PRO C 200 22.30 -9.90 51.14
C PRO C 200 22.64 -8.63 50.39
N ASP C 201 23.79 -8.61 49.71
CA ASP C 201 24.30 -7.38 49.07
C ASP C 201 23.96 -7.26 47.59
N LEU C 202 23.86 -6.00 47.15
CA LEU C 202 23.74 -5.63 45.75
C LEU C 202 25.13 -5.41 45.16
N VAL C 203 25.39 -5.99 44.00
CA VAL C 203 26.65 -5.76 43.31
C VAL C 203 26.38 -4.86 42.10
N THR C 204 27.08 -3.72 42.02
CA THR C 204 26.83 -2.79 40.92
C THR C 204 27.48 -3.33 39.65
N ILE C 205 26.73 -3.37 38.56
CA ILE C 205 27.35 -3.73 37.29
C ILE C 205 27.42 -2.56 36.30
N PHE C 206 26.70 -1.49 36.59
CA PHE C 206 26.80 -0.28 35.78
C PHE C 206 26.34 0.91 36.60
N ASP C 207 27.06 2.02 36.52
CA ASP C 207 26.78 3.13 37.44
C ASP C 207 25.52 3.91 37.20
N ARG C 208 25.16 4.10 35.93
CA ARG C 208 24.02 4.94 35.63
C ARG C 208 23.51 4.54 34.27
N ALA C 209 22.26 4.10 34.18
CA ALA C 209 21.66 3.72 32.90
C ALA C 209 20.36 4.45 32.68
N PRO C 210 19.86 4.48 31.42
CA PRO C 210 18.58 5.19 31.21
C PRO C 210 17.45 4.63 32.08
N PRO C 211 16.51 5.48 32.49
CA PRO C 211 15.41 4.97 33.34
C PRO C 211 14.58 3.90 32.66
N ARG C 212 14.36 2.78 33.36
CA ARG C 212 13.59 1.66 32.82
C ARG C 212 14.21 1.03 31.58
N THR C 213 15.53 1.14 31.46
CA THR C 213 16.21 0.47 30.32
C THR C 213 15.95 -1.03 30.38
N ALA C 214 15.90 -1.65 29.21
CA ALA C 214 15.78 -3.11 29.12
C ALA C 214 17.05 -3.74 29.72
N ILE C 215 16.85 -4.88 30.38
CA ILE C 215 17.94 -5.66 30.92
C ILE C 215 17.68 -7.14 30.63
N ALA C 216 18.69 -7.81 30.07
CA ALA C 216 18.62 -9.24 29.72
C ALA C 216 19.96 -9.92 30.05
N ALA C 217 19.91 -11.17 30.51
CA ALA C 217 21.12 -11.85 30.95
C ALA C 217 21.17 -13.33 30.59
N THR C 218 22.39 -13.83 30.48
CA THR C 218 22.61 -15.26 30.23
C THR C 218 23.86 -15.71 31.00
N SER C 219 23.95 -17.02 31.16
CA SER C 219 25.12 -17.66 31.76
C SER C 219 25.42 -18.95 31.01
N PHE C 220 26.69 -19.35 31.04
CA PHE C 220 27.17 -20.53 30.36
C PHE C 220 28.49 -20.98 30.95
N GLY C 221 28.93 -22.17 30.56
CA GLY C 221 30.24 -22.66 31.02
C GLY C 221 30.33 -22.94 32.52
N ALA C 222 29.26 -23.46 33.12
CA ALA C 222 29.31 -23.79 34.54
C ALA C 222 30.36 -24.87 34.77
N GLY C 223 31.22 -24.65 35.76
CA GLY C 223 32.16 -25.68 36.18
C GLY C 223 32.26 -25.71 37.67
N ASN C 224 33.40 -26.18 38.17
CA ASN C 224 33.63 -26.23 39.61
C ASN C 224 33.84 -24.83 40.17
N SER C 225 32.85 -24.35 40.90
CA SER C 225 32.82 -22.99 41.45
C SER C 225 33.19 -21.94 40.41
N SER C 226 32.82 -22.17 39.15
CA SER C 226 33.17 -21.25 38.05
C SER C 226 31.94 -21.05 37.14
N ILE C 227 31.81 -19.85 36.57
CA ILE C 227 30.67 -19.52 35.68
C ILE C 227 31.06 -18.32 34.83
N TYR C 228 30.41 -18.18 33.67
CA TYR C 228 30.54 -17.01 32.79
C TYR C 228 29.15 -16.42 32.62
N MET C 229 29.06 -15.09 32.66
CA MET C 229 27.75 -14.43 32.54
C MET C 229 27.90 -13.21 31.66
N ARG C 230 26.80 -12.86 31.01
CA ARG C 230 26.76 -11.71 30.15
C ARG C 230 25.43 -11.04 30.39
N ILE C 231 25.48 -9.75 30.65
CA ILE C 231 24.29 -8.94 30.89
C ILE C 231 24.25 -7.87 29.84
N TYR C 232 23.05 -7.63 29.32
CA TYR C 232 22.82 -6.67 28.28
C TYR C 232 21.80 -5.65 28.68
N PHE C 233 22.03 -4.40 28.29
CA PHE C 233 21.08 -3.34 28.55
C PHE C 233 21.22 -2.27 27.48
N VAL C 234 20.20 -1.40 27.42
CA VAL C 234 20.19 -0.35 26.41
C VAL C 234 20.74 0.93 27.05
N ASN C 235 21.88 1.40 26.55
CA ASN C 235 22.55 2.57 27.12
C ASN C 235 22.05 3.88 26.49
N SER C 236 22.53 5.00 27.04
CA SER C 236 22.08 6.36 26.64
C SER C 236 22.52 6.74 25.24
N ASP C 237 23.40 5.92 24.67
CA ASP C 237 23.85 6.08 23.31
C ASP C 237 23.00 5.28 22.30
N ASN C 238 21.83 4.79 22.74
CA ASN C 238 20.93 3.99 21.89
C ASN C 238 21.68 2.82 21.25
N THR C 239 22.49 2.16 22.06
CA THR C 239 23.07 0.86 21.69
C THR C 239 22.89 -0.10 22.85
N ILE C 240 22.90 -1.39 22.55
CA ILE C 240 23.05 -2.39 23.59
C ILE C 240 24.49 -2.39 24.07
N TRP C 241 24.68 -2.32 25.39
CA TRP C 241 25.97 -2.63 26.03
C TRP C 241 25.96 -4.00 26.68
N GLN C 242 27.12 -4.63 26.70
CA GLN C 242 27.35 -5.91 27.38
C GLN C 242 28.24 -5.69 28.58
N VAL C 243 27.91 -6.32 29.70
CA VAL C 243 28.77 -6.38 30.88
C VAL C 243 29.15 -7.85 31.04
N TRP C 245 30.90 -11.05 33.11
CA TRP C 245 31.51 -11.79 34.23
C TRP C 245 32.29 -12.94 33.64
N ASP C 246 33.60 -12.97 33.87
CA ASP C 246 34.39 -14.13 33.51
C ASP C 246 35.02 -14.72 34.75
N HIS C 247 35.02 -16.05 34.82
CA HIS C 247 35.58 -16.73 35.99
C HIS C 247 37.03 -16.31 36.14
N GLY C 248 37.43 -15.98 37.36
CA GLY C 248 38.78 -15.57 37.67
C GLY C 248 38.90 -14.07 37.70
N LYS C 249 38.26 -13.40 36.75
CA LYS C 249 38.36 -11.95 36.59
C LYS C 249 37.18 -11.17 37.18
N GLY C 250 36.04 -11.83 37.38
CA GLY C 250 34.87 -11.14 37.91
C GLY C 250 34.23 -10.21 36.89
N TYR C 251 33.63 -9.13 37.35
CA TYR C 251 33.03 -8.13 36.47
C TYR C 251 34.12 -7.21 35.97
N HIS C 252 34.76 -7.60 34.87
CA HIS C 252 36.05 -7.01 34.45
C HIS C 252 35.98 -6.25 33.14
N ASP C 253 34.87 -6.35 32.41
CA ASP C 253 34.76 -5.60 31.17
C ASP C 253 33.32 -5.22 30.86
N LYS C 254 33.19 -4.22 30.01
CA LYS C 254 31.90 -3.82 29.47
C LYS C 254 32.11 -2.96 28.24
N GLY C 255 31.15 -2.97 27.32
CA GLY C 255 31.21 -2.10 26.17
C GLY C 255 30.02 -2.27 25.24
N THR C 256 30.01 -1.45 24.20
CA THR C 256 28.94 -1.43 23.22
C THR C 256 28.97 -2.66 22.33
N ILE C 257 27.77 -3.10 21.95
CA ILE C 257 27.58 -4.27 21.11
C ILE C 257 27.00 -3.86 19.75
N THR C 258 25.83 -3.24 19.76
CA THR C 258 25.12 -2.94 18.49
C THR C 258 24.06 -1.85 18.69
N PRO C 259 23.83 -1.02 17.66
CA PRO C 259 22.77 0.00 17.73
C PRO C 259 21.35 -0.57 17.84
N VAL C 260 20.48 0.13 18.55
CA VAL C 260 19.07 -0.24 18.65
C VAL C 260 18.21 0.99 18.53
N ILE C 261 16.90 0.78 18.33
CA ILE C 261 15.97 1.91 18.39
C ILE C 261 15.91 2.43 19.82
N GLN C 262 15.60 3.71 19.95
CA GLN C 262 15.29 4.28 21.23
C GLN C 262 14.27 3.38 21.94
N GLY C 263 14.59 3.01 23.18
CA GLY C 263 13.67 2.20 23.98
C GLY C 263 13.42 0.76 23.50
N SER C 264 14.29 0.22 22.66
CA SER C 264 14.24 -1.23 22.33
C SER C 264 14.28 -2.12 23.57
N GLU C 265 13.50 -3.21 23.53
CA GLU C 265 13.66 -4.28 24.46
C GLU C 265 14.73 -5.22 23.93
N VAL C 266 15.15 -6.16 24.75
CA VAL C 266 16.29 -7.03 24.43
C VAL C 266 16.05 -8.42 24.98
N ALA C 267 16.45 -9.45 24.22
CA ALA C 267 16.52 -10.82 24.73
C ALA C 267 17.86 -11.43 24.36
N ILE C 268 18.35 -12.35 25.20
CA ILE C 268 19.64 -13.02 24.99
C ILE C 268 19.44 -14.51 25.21
N ILE C 269 20.08 -15.32 24.36
CA ILE C 269 20.25 -16.75 24.60
C ILE C 269 21.70 -17.12 24.36
N SER C 270 22.08 -18.27 24.90
CA SER C 270 23.44 -18.79 24.73
C SER C 270 23.44 -20.32 24.70
N TRP C 271 24.47 -20.89 24.09
CA TRP C 271 24.72 -22.33 24.19
C TRP C 271 26.20 -22.63 23.97
N GLY C 272 26.59 -23.86 24.30
CA GLY C 272 28.01 -24.25 24.26
C GLY C 272 28.82 -23.77 25.46
N SER C 273 30.08 -24.18 25.49
CA SER C 273 30.97 -23.94 26.63
C SER C 273 32.36 -23.53 26.17
N PHE C 274 33.02 -22.62 26.91
CA PHE C 274 34.44 -22.36 26.69
C PHE C 274 35.19 -23.68 26.81
N ASN C 277 33.52 -26.04 21.83
CA ASN C 277 33.98 -24.78 21.23
C ASN C 277 33.10 -23.51 21.43
N GLY C 278 32.02 -23.63 22.20
CA GLY C 278 31.15 -22.48 22.43
C GLY C 278 31.85 -21.39 23.23
N PRO C 279 31.10 -20.41 23.70
CA PRO C 279 29.67 -20.33 23.56
C PRO C 279 29.27 -19.66 22.25
N ASP C 280 28.02 -19.90 21.86
CA ASP C 280 27.32 -19.07 20.90
C ASP C 280 26.39 -18.17 21.68
N LEU C 281 26.33 -16.88 21.30
CA LEU C 281 25.37 -15.92 21.87
C LEU C 281 24.45 -15.43 20.79
N ARG C 282 23.18 -15.22 21.12
CA ARG C 282 22.27 -14.53 20.19
C ARG C 282 21.45 -13.49 20.94
N LEU C 283 21.48 -12.25 20.43
CA LEU C 283 20.65 -11.15 20.93
C LEU C 283 19.54 -10.86 19.94
N TYR C 284 18.39 -10.50 20.48
CA TYR C 284 17.22 -10.07 19.71
C TYR C 284 16.75 -8.73 20.28
N PHE C 285 16.36 -7.83 19.38
CA PHE C 285 16.13 -6.42 19.68
C PHE C 285 15.48 -5.77 18.46
N GLN C 286 15.17 -4.49 18.55
CA GLN C 286 14.75 -3.73 17.37
C GLN C 286 15.79 -2.66 17.05
N ASN C 287 16.24 -2.64 15.81
CA ASN C 287 17.21 -1.63 15.36
C ASN C 287 16.77 -0.82 14.18
N GLY C 288 15.49 -0.95 13.84
CA GLY C 288 14.89 -0.20 12.76
C GLY C 288 14.95 -0.89 11.42
N THR C 289 15.37 -2.16 11.39
CA THR C 289 15.28 -2.89 10.13
C THR C 289 13.80 -3.06 9.75
N TYR C 290 13.46 -2.65 8.53
CA TYR C 290 12.08 -2.58 8.09
C TYR C 290 11.24 -1.85 9.11
N ILE C 291 11.85 -0.84 9.73
CA ILE C 291 11.22 -0.02 10.79
C ILE C 291 10.96 -0.77 12.10
N SER C 292 10.12 -1.80 12.06
CA SER C 292 9.63 -2.47 13.28
C SER C 292 10.02 -3.94 13.38
N ALA C 293 10.81 -4.47 12.43
CA ALA C 293 11.19 -5.89 12.54
C ALA C 293 12.09 -6.10 13.72
N VAL C 294 12.11 -7.33 14.20
CA VAL C 294 13.08 -7.77 15.19
C VAL C 294 14.33 -8.22 14.47
N SER C 295 15.51 -7.85 14.99
CA SER C 295 16.78 -8.24 14.38
C SER C 295 17.56 -9.09 15.36
N GLU C 296 18.57 -9.77 14.82
CA GLU C 296 19.45 -10.65 15.59
C GLU C 296 20.91 -10.22 15.51
N TRP C 297 21.62 -10.37 16.62
CA TRP C 297 23.07 -10.23 16.69
C TRP C 297 23.67 -11.56 17.11
N VAL C 298 24.84 -11.87 16.57
CA VAL C 298 25.50 -13.16 16.73
C VAL C 298 26.90 -12.93 17.28
N TRP C 299 27.28 -13.78 18.24
CA TRP C 299 28.66 -13.95 18.62
C TRP C 299 29.03 -15.43 18.70
N ASN C 300 30.18 -15.76 18.13
CA ASN C 300 30.87 -17.02 18.48
C ASN C 300 32.32 -16.82 18.15
N ARG C 301 33.18 -17.72 18.57
CA ARG C 301 34.60 -17.44 18.35
C ARG C 301 35.01 -17.57 16.89
N ALA C 302 34.28 -18.37 16.13
CA ALA C 302 34.60 -18.56 14.72
C ALA C 302 34.37 -17.31 13.86
N HIS C 303 33.37 -16.50 14.21
CA HIS C 303 33.01 -15.37 13.37
C HIS C 303 32.95 -14.01 14.10
N GLY C 304 33.18 -14.02 15.40
CA GLY C 304 33.23 -12.78 16.18
C GLY C 304 31.84 -12.16 16.28
N SER C 305 31.81 -10.85 16.51
N SER C 305 31.81 -10.84 16.48
CA SER C 305 30.57 -10.08 16.64
CA SER C 305 30.58 -10.08 16.63
C SER C 305 30.03 -9.72 15.27
C SER C 305 30.01 -9.70 15.27
N GLN C 306 28.80 -10.13 14.97
CA GLN C 306 28.19 -9.87 13.65
C GLN C 306 26.69 -9.71 13.78
N LEU C 307 26.07 -8.89 12.94
CA LEU C 307 24.64 -8.95 12.77
C LEU C 307 24.28 -10.29 12.12
N GLY C 308 23.26 -10.94 12.65
CA GLY C 308 22.75 -12.18 12.08
C GLY C 308 21.54 -11.92 11.20
N ARG C 309 20.46 -12.67 11.41
CA ARG C 309 19.21 -12.48 10.67
C ARG C 309 18.81 -11.01 10.71
N SER C 310 18.71 -10.35 9.55
CA SER C 310 18.46 -8.91 9.56
C SER C 310 17.06 -8.59 10.07
N ALA C 311 16.08 -9.44 9.70
CA ALA C 311 14.69 -9.25 10.07
C ALA C 311 14.05 -10.62 10.31
N LEU C 312 13.70 -10.89 11.55
CA LEU C 312 13.05 -12.15 11.90
C LEU C 312 11.67 -12.26 11.23
N PRO C 313 11.22 -13.50 10.99
CA PRO C 313 9.81 -13.73 10.68
C PRO C 313 8.94 -13.00 11.68
N PRO C 314 7.85 -12.38 11.22
CA PRO C 314 7.23 -12.49 9.90
C PRO C 314 7.68 -11.48 8.83
N ALA C 315 8.75 -10.76 9.07
CA ALA C 315 9.14 -9.67 8.21
C ALA C 315 9.42 -10.11 6.78
N SER D 2 10.44 7.96 42.36
CA SER D 2 9.26 8.46 41.63
C SER D 2 8.24 8.95 42.66
N THR D 3 7.00 9.19 42.20
CA THR D 3 5.89 9.51 43.12
C THR D 3 4.71 8.64 42.73
N PRO D 4 3.78 8.41 43.68
CA PRO D 4 2.59 7.65 43.38
C PRO D 4 1.81 8.19 42.18
N GLY D 5 1.69 9.53 42.07
CA GLY D 5 1.03 10.13 40.92
C GLY D 5 1.84 9.94 39.64
N ALA D 6 3.15 10.15 39.69
CA ALA D 6 3.96 10.06 38.47
C ALA D 6 3.81 8.63 37.92
N GLN D 7 3.77 7.67 38.83
CA GLN D 7 3.60 6.25 38.50
C GLN D 7 2.36 5.89 37.68
N GLN D 8 1.37 6.78 37.70
CA GLN D 8 0.13 6.62 36.98
C GLN D 8 0.24 7.01 35.52
N VAL D 9 1.26 7.79 35.17
CA VAL D 9 1.45 8.25 33.79
C VAL D 9 2.17 7.16 33.00
N LEU D 10 1.66 6.85 31.82
CA LEU D 10 2.19 5.78 30.98
C LEU D 10 3.55 6.25 30.46
N PHE D 11 4.57 5.40 30.57
CA PHE D 11 5.90 5.70 29.99
C PHE D 11 5.72 5.75 28.49
N ARG D 12 6.22 6.83 27.87
CA ARG D 12 6.04 7.10 26.45
C ARG D 12 4.61 7.31 26.03
N THR D 13 3.80 7.84 26.95
CA THR D 13 2.46 8.28 26.62
C THR D 13 2.39 9.27 25.47
N GLY D 14 1.34 9.17 24.65
CA GLY D 14 0.95 10.27 23.81
C GLY D 14 0.68 11.49 24.66
N ILE D 15 1.02 12.67 24.13
CA ILE D 15 0.79 13.91 24.81
C ILE D 15 0.19 14.90 23.83
N ALA D 16 -0.85 15.61 24.26
CA ALA D 16 -1.41 16.70 23.51
C ALA D 16 -1.68 17.87 24.43
N ALA D 17 -1.76 19.06 23.82
CA ALA D 17 -2.01 20.28 24.58
C ALA D 17 -2.79 21.28 23.76
N VAL D 18 -3.57 22.07 24.49
CA VAL D 18 -4.36 23.16 23.93
C VAL D 18 -4.36 24.33 24.90
N ASN D 19 -4.74 25.49 24.40
CA ASN D 19 -4.64 26.69 25.22
C ASN D 19 -5.48 27.84 24.69
N SER D 20 -5.79 28.76 25.60
CA SER D 20 -6.25 30.11 25.25
C SER D 20 -5.30 31.02 26.02
N THR D 21 -4.49 31.79 25.28
CA THR D 21 -3.29 32.42 25.81
C THR D 21 -2.65 31.51 26.89
N ASN D 22 -2.51 31.99 28.12
CA ASN D 22 -1.83 31.21 29.15
C ASN D 22 -2.77 30.37 30.03
N HIS D 23 -3.97 30.08 29.52
CA HIS D 23 -4.88 29.09 30.13
C HIS D 23 -4.66 27.79 29.38
N LEU D 24 -4.11 26.78 30.05
CA LEU D 24 -3.58 25.57 29.37
C LEU D 24 -4.28 24.26 29.78
N ARG D 25 -4.36 23.33 28.83
CA ARG D 25 -4.81 21.96 29.10
C ARG D 25 -3.82 21.01 28.43
N VAL D 26 -3.44 19.96 29.17
CA VAL D 26 -2.52 18.95 28.67
C VAL D 26 -3.20 17.58 28.86
N TYR D 27 -3.18 16.76 27.80
CA TYR D 27 -3.80 15.44 27.76
C TYR D 27 -2.71 14.37 27.68
N PHE D 28 -2.91 13.29 28.42
CA PHE D 28 -1.97 12.16 28.41
C PHE D 28 -2.74 10.89 28.77
N GLN D 29 -2.08 9.74 28.57
CA GLN D 29 -2.68 8.45 28.90
C GLN D 29 -2.08 7.92 30.18
N ASP D 30 -2.96 7.45 31.08
CA ASP D 30 -2.51 6.73 32.25
C ASP D 30 -2.22 5.24 31.96
N VAL D 31 -1.60 4.59 32.92
CA VAL D 31 -1.24 3.15 32.78
C VAL D 31 -2.37 2.19 32.48
N TYR D 32 -3.62 2.62 32.73
CA TYR D 32 -4.80 1.81 32.44
C TYR D 32 -5.45 2.11 31.11
N GLY D 33 -4.96 3.11 30.41
CA GLY D 33 -5.46 3.43 29.07
C GLY D 33 -6.39 4.61 29.03
N SER D 34 -6.79 5.12 30.19
CA SER D 34 -7.61 6.33 30.24
C SER D 34 -6.84 7.58 29.83
N ILE D 35 -7.53 8.46 29.12
CA ILE D 35 -6.98 9.75 28.77
C ILE D 35 -7.39 10.75 29.85
N ARG D 36 -6.40 11.42 30.43
CA ARG D 36 -6.64 12.40 31.50
C ARG D 36 -6.29 13.82 31.07
N GLU D 37 -6.91 14.79 31.73
CA GLU D 37 -6.59 16.19 31.52
C GLU D 37 -5.94 16.80 32.74
N SER D 38 -4.79 17.44 32.52
CA SER D 38 -4.22 18.33 33.52
C SER D 38 -4.43 19.76 33.03
N LEU D 39 -4.52 20.70 33.96
CA LEU D 39 -4.82 22.07 33.59
C LEU D 39 -3.99 23.10 34.30
N TYR D 40 -3.83 24.22 33.61
CA TYR D 40 -3.17 25.37 34.18
C TYR D 40 -4.10 26.57 34.06
N GLU D 41 -4.56 27.00 35.23
CA GLU D 41 -5.36 28.23 35.37
C GLU D 41 -4.74 28.99 36.55
N GLY D 42 -3.65 29.70 36.27
CA GLY D 42 -2.86 30.34 37.33
C GLY D 42 -1.92 29.40 38.08
N SER D 43 -2.28 28.12 38.14
CA SER D 43 -1.45 27.08 38.73
C SER D 43 -1.87 25.74 38.15
N TRP D 44 -1.04 24.72 38.35
CA TRP D 44 -1.26 23.39 37.77
C TRP D 44 -2.18 22.55 38.63
N ALA D 45 -3.15 21.88 38.02
CA ALA D 45 -4.06 21.03 38.78
C ALA D 45 -4.44 19.81 37.97
N ASN D 46 -5.11 18.88 38.67
CA ASN D 46 -5.84 17.77 38.07
C ASN D 46 -4.94 16.61 37.56
N GLY D 47 -5.25 16.04 36.39
CA GLY D 47 -4.51 14.84 35.92
C GLY D 47 -4.75 13.58 36.73
N THR D 48 -5.81 13.55 37.55
CA THR D 48 -6.10 12.39 38.39
C THR D 48 -7.13 11.50 37.74
N GLU D 49 -7.44 10.39 38.41
CA GLU D 49 -8.52 9.50 37.98
C GLU D 49 -9.88 10.16 37.89
N LYS D 50 -10.09 11.28 38.60
CA LYS D 50 -11.36 12.04 38.47
C LYS D 50 -11.34 12.99 37.28
N ASN D 51 -10.24 13.03 36.53
CA ASN D 51 -10.13 13.92 35.38
C ASN D 51 -9.98 13.17 34.06
N VAL D 52 -10.72 12.08 33.93
CA VAL D 52 -10.68 11.25 32.75
C VAL D 52 -11.71 11.70 31.71
N ILE D 53 -11.28 11.87 30.48
CA ILE D 53 -12.18 12.31 29.42
C ILE D 53 -12.55 11.20 28.45
N GLY D 54 -11.98 10.00 28.63
CA GLY D 54 -12.28 8.89 27.75
C GLY D 54 -11.20 7.84 27.88
N ASN D 55 -11.37 6.75 27.16
CA ASN D 55 -10.45 5.64 27.19
C ASN D 55 -10.03 5.30 25.78
N ALA D 56 -8.77 4.89 25.63
CA ALA D 56 -8.23 4.57 24.34
C ALA D 56 -7.33 3.35 24.45
N LYS D 57 -6.99 2.72 23.34
CA LYS D 57 -6.10 1.55 23.39
C LYS D 57 -4.79 1.95 24.03
N LEU D 58 -4.20 1.04 24.78
CA LEU D 58 -2.93 1.32 25.43
C LEU D 58 -1.86 1.64 24.42
N GLY D 59 -1.19 2.77 24.64
CA GLY D 59 -0.14 3.24 23.74
C GLY D 59 -0.68 4.09 22.61
N SER D 60 -1.97 4.42 22.62
CA SER D 60 -2.58 5.19 21.55
C SER D 60 -1.87 6.53 21.30
N PRO D 61 -1.87 7.02 20.05
CA PRO D 61 -1.53 8.43 19.86
C PRO D 61 -2.54 9.30 20.61
N VAL D 62 -2.17 10.54 20.93
CA VAL D 62 -3.06 11.47 21.59
C VAL D 62 -2.85 12.82 20.92
N ALA D 63 -3.87 13.33 20.23
CA ALA D 63 -3.80 14.61 19.53
C ALA D 63 -4.91 15.49 20.06
N ALA D 64 -4.71 16.79 20.01
CA ALA D 64 -5.78 17.70 20.40
C ALA D 64 -5.69 19.02 19.66
N THR D 65 -6.84 19.65 19.46
CA THR D 65 -6.93 20.98 18.89
C THR D 65 -8.10 21.70 19.54
N SER D 66 -8.08 23.03 19.48
CA SER D 66 -9.13 23.82 20.12
C SER D 66 -9.39 25.16 19.46
N LYS D 67 -10.54 25.73 19.77
CA LYS D 67 -10.83 27.13 19.50
C LYS D 67 -10.81 27.77 20.88
N GLU D 68 -9.70 28.42 21.21
CA GLU D 68 -9.40 28.86 22.58
C GLU D 68 -9.67 27.69 23.55
N LEU D 69 -10.37 27.92 24.66
CA LEU D 69 -10.84 26.80 25.46
C LEU D 69 -12.36 26.69 25.40
N LYS D 70 -12.97 27.25 24.35
CA LYS D 70 -14.43 27.14 24.18
C LYS D 70 -14.80 25.81 23.54
N HIS D 71 -13.97 25.33 22.61
CA HIS D 71 -14.19 24.07 21.91
C HIS D 71 -12.87 23.30 21.89
N ILE D 72 -12.85 22.10 22.50
CA ILE D 72 -11.66 21.25 22.53
C ILE D 72 -12.03 19.91 21.91
N ARG D 73 -11.10 19.32 21.17
CA ARG D 73 -11.31 18.00 20.59
C ARG D 73 -10.03 17.21 20.75
N VAL D 74 -10.16 15.98 21.24
CA VAL D 74 -9.02 15.12 21.56
C VAL D 74 -9.23 13.81 20.81
N TYR D 75 -8.19 13.41 20.07
CA TYR D 75 -8.28 12.31 19.14
C TYR D 75 -7.37 11.19 19.56
N THR D 76 -7.90 9.96 19.53
CA THR D 76 -7.15 8.76 19.92
C THR D 76 -7.62 7.58 19.05
N LEU D 77 -6.99 6.42 19.25
CA LEU D 77 -7.43 5.20 18.60
C LEU D 77 -8.20 4.32 19.57
N THR D 78 -9.28 3.73 19.08
CA THR D 78 -10.02 2.71 19.83
C THR D 78 -9.22 1.42 19.85
N GLU D 79 -9.64 0.49 20.70
CA GLU D 79 -9.15 -0.88 20.63
C GLU D 79 -9.30 -1.52 19.24
N GLY D 80 -10.31 -1.11 18.47
CA GLY D 80 -10.55 -1.61 17.13
C GLY D 80 -9.79 -0.87 16.04
N ASN D 81 -8.83 -0.03 16.42
CA ASN D 81 -8.03 0.73 15.47
C ASN D 81 -8.86 1.59 14.52
N THR D 82 -9.85 2.25 15.10
CA THR D 82 -10.59 3.28 14.43
C THR D 82 -10.37 4.59 15.18
N LEU D 83 -10.47 5.71 14.46
CA LEU D 83 -10.35 7.03 15.07
C LEU D 83 -11.56 7.32 15.94
N GLN D 84 -11.31 7.93 17.08
CA GLN D 84 -12.37 8.45 17.93
C GLN D 84 -12.03 9.82 18.47
N GLU D 85 -13.01 10.46 19.10
CA GLU D 85 -12.91 11.86 19.43
C GLU D 85 -13.61 12.09 20.75
N PHE D 86 -12.89 12.69 21.69
CA PHE D 86 -13.47 13.19 22.92
C PHE D 86 -13.59 14.71 22.78
N ALA D 87 -14.79 15.22 23.03
CA ALA D 87 -15.12 16.61 22.68
C ALA D 87 -15.64 17.37 23.90
N TYR D 88 -15.20 18.63 24.00
CA TYR D 88 -15.70 19.57 25.00
C TYR D 88 -16.19 20.81 24.29
N ASP D 89 -17.40 21.25 24.64
CA ASP D 89 -17.86 22.57 24.30
C ASP D 89 -18.31 23.28 25.58
N SER D 90 -17.95 24.55 25.70
CA SER D 90 -18.37 25.36 26.83
C SER D 90 -19.89 25.32 26.90
N GLY D 91 -20.42 25.13 28.11
CA GLY D 91 -21.86 25.03 28.30
C GLY D 91 -22.42 23.65 28.08
N THR D 92 -21.59 22.74 27.55
CA THR D 92 -21.98 21.35 27.28
C THR D 92 -21.20 20.37 28.16
N GLY D 93 -19.90 20.60 28.36
CA GLY D 93 -19.06 19.64 29.07
C GLY D 93 -18.45 18.65 28.07
N TRP D 94 -17.93 17.52 28.60
CA TRP D 94 -17.24 16.48 27.81
C TRP D 94 -18.18 15.40 27.26
N TYR D 95 -17.88 14.93 26.04
CA TYR D 95 -18.69 13.92 25.41
C TYR D 95 -17.95 13.13 24.34
N ASN D 96 -18.53 11.99 23.98
CA ASN D 96 -18.06 11.17 22.89
C ASN D 96 -18.47 11.84 21.59
N GLY D 97 -17.49 12.29 20.82
CA GLY D 97 -17.75 13.03 19.59
C GLY D 97 -18.20 12.11 18.48
N GLY D 98 -18.80 12.69 17.45
CA GLY D 98 -19.29 11.94 16.33
C GLY D 98 -18.25 11.21 15.50
N LEU D 99 -16.97 11.54 15.65
CA LEU D 99 -15.98 10.90 14.77
C LEU D 99 -16.03 9.36 14.84
N GLY D 100 -16.20 8.82 16.05
CA GLY D 100 -16.15 7.37 16.29
C GLY D 100 -17.16 6.57 15.47
N GLY D 101 -18.33 7.17 15.27
CA GLY D 101 -19.42 6.55 14.51
C GLY D 101 -19.09 6.27 13.06
N ALA D 102 -18.16 7.03 12.47
CA ALA D 102 -17.72 6.77 11.12
C ALA D 102 -16.84 5.53 11.01
N LYS D 103 -16.29 5.08 12.13
CA LYS D 103 -15.42 3.88 12.19
C LYS D 103 -14.34 3.90 11.10
N PHE D 104 -13.64 5.03 11.00
CA PHE D 104 -12.52 5.16 10.07
C PHE D 104 -11.39 4.25 10.52
N GLN D 105 -11.04 3.28 9.67
CA GLN D 105 -10.02 2.30 10.01
C GLN D 105 -8.65 2.80 9.64
N VAL D 106 -7.71 2.76 10.58
CA VAL D 106 -6.35 3.23 10.33
C VAL D 106 -5.40 2.13 10.73
N ALA D 107 -4.12 2.27 10.36
CA ALA D 107 -3.11 1.30 10.77
C ALA D 107 -3.06 1.25 12.29
N PRO D 108 -2.86 0.06 12.88
CA PRO D 108 -2.71 0.01 14.34
C PRO D 108 -1.61 0.92 14.90
N TYR D 109 -0.59 1.16 14.08
CA TYR D 109 0.55 2.01 14.43
C TYR D 109 0.40 3.47 13.99
N SER D 110 -0.79 3.89 13.57
CA SER D 110 -0.99 5.25 13.11
C SER D 110 -0.82 6.26 14.24
N ILE D 112 -1.77 10.47 14.99
CA ILE D 112 -2.87 11.37 14.61
C ILE D 112 -2.42 12.81 14.76
N ALA D 113 -2.82 13.67 13.83
CA ALA D 113 -2.75 15.12 14.03
C ALA D 113 -4.09 15.74 13.74
N ALA D 114 -4.39 16.84 14.42
CA ALA D 114 -5.70 17.49 14.26
C ALA D 114 -5.61 18.99 14.31
N VAL D 115 -6.41 19.67 13.50
CA VAL D 115 -6.52 21.11 13.53
C VAL D 115 -7.97 21.56 13.28
N PHE D 116 -8.41 22.56 14.04
CA PHE D 116 -9.51 23.41 13.61
C PHE D 116 -9.00 24.34 12.53
N LEU D 117 -9.72 24.50 11.42
CA LEU D 117 -9.25 25.40 10.37
C LEU D 117 -9.29 26.84 10.89
N ALA D 118 -8.26 27.61 10.57
CA ALA D 118 -8.10 28.94 11.17
C ALA D 118 -9.00 29.96 10.49
N GLY D 119 -9.48 30.91 11.28
CA GLY D 119 -10.15 32.11 10.77
C GLY D 119 -11.44 31.92 10.01
N THR D 120 -12.14 30.82 10.23
CA THR D 120 -13.36 30.52 9.46
C THR D 120 -14.60 30.95 10.23
N ASP D 121 -15.72 30.93 9.50
CA ASP D 121 -17.08 31.28 9.98
C ASP D 121 -17.61 30.36 11.08
N ALA D 122 -16.99 29.18 11.21
CA ALA D 122 -17.62 28.06 11.87
C ALA D 122 -16.55 27.07 12.31
N LEU D 123 -16.98 25.97 12.87
CA LEU D 123 -16.08 24.93 13.33
C LEU D 123 -15.85 23.94 12.21
N GLN D 124 -14.63 23.93 11.67
CA GLN D 124 -14.26 22.96 10.66
C GLN D 124 -13.01 22.27 11.17
N LEU D 125 -13.00 20.95 11.04
CA LEU D 125 -11.85 20.14 11.48
C LEU D 125 -11.24 19.39 10.34
N ARG D 126 -9.91 19.22 10.43
CA ARG D 126 -9.17 18.30 9.60
C ARG D 126 -8.29 17.43 10.49
N ILE D 127 -8.40 16.12 10.31
CA ILE D 127 -7.68 15.14 11.10
C ILE D 127 -6.82 14.40 10.11
N TYR D 128 -5.61 14.03 10.52
CA TYR D 128 -4.68 13.33 9.65
C TYR D 128 -4.23 12.08 10.38
N ALA D 129 -4.26 10.93 9.71
CA ALA D 129 -3.86 9.64 10.25
C ALA D 129 -3.33 8.77 9.11
N GLN D 130 -2.85 7.60 9.45
CA GLN D 130 -2.19 6.74 8.49
C GLN D 130 -2.99 5.47 8.28
N LYS D 131 -3.24 5.18 7.03
CA LYS D 131 -4.05 4.02 6.68
C LYS D 131 -3.20 2.76 6.72
N PRO D 132 -3.86 1.58 6.68
CA PRO D 132 -3.12 0.31 6.59
C PRO D 132 -2.13 0.25 5.45
N ASP D 133 -2.39 0.96 4.36
CA ASP D 133 -1.46 1.00 3.21
C ASP D 133 -0.33 2.02 3.36
N ASN D 134 -0.25 2.64 4.53
CA ASN D 134 0.78 3.62 4.92
C ASN D 134 0.64 4.99 4.30
N THR D 135 -0.45 5.23 3.57
CA THR D 135 -0.72 6.58 3.11
C THR D 135 -1.31 7.41 4.24
N ILE D 136 -1.08 8.71 4.15
CA ILE D 136 -1.65 9.66 5.07
C ILE D 136 -3.01 10.11 4.54
N GLN D 137 -4.04 9.95 5.35
CA GLN D 137 -5.40 10.28 4.94
C GLN D 137 -5.92 11.42 5.80
N GLU D 138 -6.52 12.41 5.14
CA GLU D 138 -7.22 13.51 5.81
C GLU D 138 -8.69 13.12 5.97
N TYR D 139 -9.23 13.45 7.13
CA TYR D 139 -10.66 13.30 7.41
C TYR D 139 -11.18 14.67 7.74
N MET D 140 -12.39 14.98 7.27
CA MET D 140 -12.94 16.34 7.34
C MET D 140 -14.24 16.39 8.08
N TRP D 141 -14.42 17.46 8.82
CA TRP D 141 -15.73 17.85 9.32
C TRP D 141 -15.96 19.30 8.91
N ASN D 142 -17.03 19.51 8.16
CA ASN D 142 -17.44 20.85 7.73
C ASN D 142 -18.87 21.18 8.15
N GLY D 143 -19.34 20.53 9.21
CA GLY D 143 -20.63 20.85 9.82
C GLY D 143 -21.76 19.89 9.51
N ASP D 144 -21.56 18.95 8.58
CA ASP D 144 -22.65 18.05 8.18
C ASP D 144 -22.14 16.62 7.96
N GLY D 145 -21.33 16.14 8.90
CA GLY D 145 -20.87 14.76 8.87
C GLY D 145 -19.39 14.62 8.51
N TRP D 146 -18.80 13.56 9.03
CA TRP D 146 -17.42 13.24 8.76
C TRP D 146 -17.30 12.52 7.43
N LYS D 147 -16.26 12.83 6.69
CA LYS D 147 -15.91 12.04 5.52
C LYS D 147 -14.44 12.19 5.19
N GLU D 148 -13.98 11.34 4.29
CA GLU D 148 -12.61 11.37 3.82
C GLU D 148 -12.37 12.66 3.05
N GLY D 149 -11.21 13.27 3.32
CA GLY D 149 -10.71 14.39 2.57
C GLY D 149 -9.67 13.89 1.64
N THR D 150 -8.63 14.70 1.44
CA THR D 150 -7.57 14.39 0.50
C THR D 150 -6.65 13.31 1.05
N ASN D 151 -6.27 12.36 0.18
CA ASN D 151 -5.20 11.42 0.52
C ASN D 151 -3.87 12.02 0.12
N LEU D 152 -2.91 11.99 1.05
CA LEU D 152 -1.69 12.73 0.87
C LEU D 152 -0.47 11.87 0.56
N GLY D 153 -0.71 10.58 0.29
CA GLY D 153 0.32 9.73 -0.29
C GLY D 153 1.08 9.00 0.79
N GLY D 154 2.09 8.25 0.36
CA GLY D 154 2.86 7.38 1.24
C GLY D 154 3.72 8.08 2.29
N ALA D 155 3.84 7.41 3.43
CA ALA D 155 4.73 7.82 4.48
C ALA D 155 5.33 6.59 5.16
N LEU D 156 6.39 6.82 5.92
CA LEU D 156 7.00 5.77 6.71
C LEU D 156 5.95 5.13 7.63
N PRO D 157 5.86 3.80 7.68
CA PRO D 157 4.85 3.23 8.56
C PRO D 157 5.07 3.56 10.06
N GLY D 158 4.05 4.18 10.67
CA GLY D 158 4.11 4.62 12.04
C GLY D 158 4.68 6.02 12.22
N THR D 159 4.81 6.76 11.14
CA THR D 159 5.35 8.11 11.17
C THR D 159 4.65 8.97 12.22
N GLY D 160 5.39 9.86 12.86
CA GLY D 160 4.75 10.98 13.58
C GLY D 160 4.01 11.84 12.56
N ILE D 161 3.06 12.63 13.02
CA ILE D 161 2.37 13.55 12.13
C ILE D 161 2.14 14.83 12.92
N GLY D 162 2.62 15.95 12.39
CA GLY D 162 2.32 17.25 12.99
C GLY D 162 1.47 18.05 12.02
N ALA D 163 0.72 19.00 12.55
CA ALA D 163 -0.16 19.80 11.71
C ALA D 163 -0.47 21.14 12.33
N THR D 164 -0.67 22.12 11.48
CA THR D 164 -1.09 23.43 11.95
C THR D 164 -1.95 24.07 10.89
N SER D 165 -2.84 24.95 11.33
CA SER D 165 -3.66 25.76 10.41
C SER D 165 -3.56 27.22 10.83
N PHE D 166 -3.44 28.08 9.83
CA PHE D 166 -3.38 29.52 10.01
C PHE D 166 -4.13 30.18 8.86
N ARG D 167 -4.51 31.44 9.02
CA ARG D 167 -5.15 32.18 7.94
C ARG D 167 -4.35 33.43 7.64
N TYR D 168 -3.77 33.48 6.47
CA TYR D 168 -3.08 34.68 5.98
C TYR D 168 -4.11 35.77 5.93
N THR D 169 -3.79 36.95 6.43
CA THR D 169 -4.80 38.02 6.53
C THR D 169 -5.23 38.57 5.18
N ASP D 170 -4.46 38.27 4.13
CA ASP D 170 -4.78 38.73 2.79
C ASP D 170 -5.50 37.64 1.96
N TYR D 171 -5.89 36.55 2.63
CA TYR D 171 -6.65 35.49 1.99
C TYR D 171 -7.95 35.27 2.76
N ASN D 172 -8.94 34.74 2.09
CA ASN D 172 -10.24 34.52 2.71
C ASN D 172 -10.30 33.20 3.46
N GLY D 173 -9.52 32.23 2.99
CA GLY D 173 -9.64 30.86 3.45
C GLY D 173 -8.40 30.41 4.24
N PRO D 174 -8.53 29.30 4.96
CA PRO D 174 -7.41 28.81 5.76
C PRO D 174 -6.33 28.10 4.97
N SER D 175 -5.12 28.13 5.53
CA SER D 175 -3.99 27.32 5.08
C SER D 175 -3.75 26.18 6.06
N ILE D 176 -3.14 25.11 5.55
CA ILE D 176 -2.79 23.98 6.38
C ILE D 176 -1.36 23.61 6.07
N ARG D 177 -0.61 23.22 7.09
CA ARG D 177 0.71 22.63 6.88
C ARG D 177 0.75 21.33 7.71
N ILE D 178 1.29 20.27 7.12
CA ILE D 178 1.45 19.02 7.87
C ILE D 178 2.86 18.51 7.66
N TRP D 179 3.34 17.76 8.64
CA TRP D 179 4.68 17.23 8.59
C TRP D 179 4.68 15.77 8.98
N PHE D 180 5.54 14.99 8.32
CA PHE D 180 5.64 13.57 8.58
C PHE D 180 6.95 13.07 8.01
N GLN D 181 7.19 11.79 8.22
CA GLN D 181 8.44 11.12 7.83
C GLN D 181 8.20 10.20 6.65
N THR D 182 9.12 10.20 5.68
CA THR D 182 9.02 9.35 4.51
C THR D 182 9.91 8.10 4.72
N ASP D 183 9.82 7.12 3.82
CA ASP D 183 10.58 5.87 3.97
C ASP D 183 12.10 6.04 3.99
N ASP D 184 12.59 7.10 3.33
CA ASP D 184 14.00 7.44 3.32
C ASP D 184 14.47 8.10 4.65
N LEU D 185 13.55 8.19 5.62
CA LEU D 185 13.77 8.67 6.98
C LEU D 185 13.81 10.20 7.12
N LYS D 186 13.68 10.92 6.00
CA LYS D 186 13.61 12.38 5.98
C LYS D 186 12.33 12.83 6.66
N LEU D 187 12.35 14.03 7.23
CA LEU D 187 11.10 14.70 7.65
C LEU D 187 10.70 15.71 6.58
N VAL D 188 9.42 15.68 6.20
CA VAL D 188 8.90 16.49 5.13
C VAL D 188 7.65 17.27 5.53
N GLN D 189 7.37 18.30 4.73
CA GLN D 189 6.17 19.11 4.85
C GLN D 189 5.30 18.92 3.62
N ARG D 190 4.00 18.81 3.84
CA ARG D 190 3.02 19.06 2.78
C ARG D 190 2.19 20.28 3.13
N ALA D 191 1.69 20.96 2.11
CA ALA D 191 1.12 22.30 2.28
C ALA D 191 -0.18 22.50 1.47
N TYR D 192 -1.14 23.15 2.12
CA TYR D 192 -2.39 23.53 1.49
C TYR D 192 -2.56 25.05 1.64
N ASP D 193 -2.75 25.74 0.52
CA ASP D 193 -3.16 27.15 0.55
C ASP D 193 -4.50 27.26 -0.19
N PRO D 194 -5.34 28.21 0.21
CA PRO D 194 -6.69 28.31 -0.37
C PRO D 194 -6.72 28.61 -1.88
N HIS D 195 -5.70 29.30 -2.38
CA HIS D 195 -5.59 29.65 -3.83
C HIS D 195 -4.90 28.57 -4.68
N LYS D 196 -4.24 27.60 -4.05
CA LYS D 196 -3.50 26.55 -4.80
C LYS D 196 -3.97 25.12 -4.55
N GLY D 197 -4.73 24.90 -3.47
CA GLY D 197 -4.99 23.55 -3.00
C GLY D 197 -3.74 22.94 -2.37
N TRP D 198 -3.63 21.62 -2.42
CA TRP D 198 -2.42 20.97 -1.93
C TRP D 198 -1.32 21.13 -2.95
N TYR D 199 -0.18 21.64 -2.51
CA TYR D 199 0.97 21.75 -3.38
C TYR D 199 1.39 20.32 -3.68
N PRO D 200 1.84 20.06 -4.91
CA PRO D 200 2.14 18.68 -5.26
C PRO D 200 3.42 18.11 -4.63
N ASP D 201 4.32 18.99 -4.18
CA ASP D 201 5.64 18.55 -3.77
CA ASP D 201 5.66 18.59 -3.75
C ASP D 201 5.81 18.49 -2.23
N LEU D 202 6.65 17.56 -1.80
CA LEU D 202 7.11 17.43 -0.42
C LEU D 202 8.31 18.36 -0.23
N VAL D 203 8.32 19.13 0.86
CA VAL D 203 9.46 19.98 1.18
C VAL D 203 10.21 19.36 2.37
N THR D 204 11.50 19.06 2.18
CA THR D 204 12.31 18.48 3.24
C THR D 204 12.59 19.51 4.33
N ILE D 205 12.33 19.15 5.58
CA ILE D 205 12.70 20.00 6.71
C ILE D 205 13.84 19.44 7.54
N PHE D 206 14.15 18.15 7.40
CA PHE D 206 15.27 17.57 8.14
C PHE D 206 15.71 16.29 7.45
N ASP D 207 17.02 16.14 7.27
CA ASP D 207 17.58 15.11 6.38
C ASP D 207 17.37 13.66 6.82
N ARG D 208 17.38 13.41 8.12
CA ARG D 208 17.20 12.08 8.65
C ARG D 208 16.81 12.17 10.11
N ALA D 209 15.80 11.40 10.51
CA ALA D 209 15.35 11.39 11.88
C ALA D 209 15.13 9.93 12.26
N PRO D 210 15.13 9.63 13.57
CA PRO D 210 14.86 8.27 13.97
C PRO D 210 13.52 7.76 13.43
N PRO D 211 13.43 6.44 13.15
CA PRO D 211 12.18 5.92 12.61
C PRO D 211 11.04 6.08 13.60
N ARG D 212 9.90 6.58 13.12
CA ARG D 212 8.69 6.82 13.93
C ARG D 212 8.90 7.87 15.02
N THR D 213 9.85 8.75 14.84
CA THR D 213 10.01 9.81 15.83
C THR D 213 8.75 10.69 15.94
N ALA D 214 8.50 11.20 17.13
CA ALA D 214 7.42 12.14 17.35
C ALA D 214 7.64 13.42 16.57
N ILE D 215 6.55 13.98 16.05
CA ILE D 215 6.57 15.24 15.31
C ILE D 215 5.39 16.08 15.81
N ALA D 216 5.61 17.35 16.14
CA ALA D 216 4.56 18.23 16.63
C ALA D 216 4.84 19.63 16.11
N ALA D 217 3.80 20.38 15.73
CA ALA D 217 4.01 21.68 15.13
C ALA D 217 3.04 22.73 15.66
N THR D 218 3.46 23.98 15.54
CA THR D 218 2.59 25.11 15.84
C THR D 218 2.90 26.24 14.85
N SER D 219 2.00 27.21 14.81
CA SER D 219 2.22 28.42 14.00
C SER D 219 1.67 29.61 14.74
N PHE D 220 2.19 30.78 14.42
CA PHE D 220 1.71 32.00 15.07
C PHE D 220 2.10 33.21 14.20
N GLY D 221 1.53 34.38 14.52
CA GLY D 221 1.88 35.63 13.83
C GLY D 221 1.52 35.71 12.34
N ALA D 222 0.37 35.15 11.98
CA ALA D 222 -0.16 35.25 10.61
C ALA D 222 -0.34 36.71 10.21
N GLY D 223 0.14 37.04 9.03
CA GLY D 223 -0.07 38.37 8.47
C GLY D 223 -0.37 38.26 7.01
N ASN D 224 -0.15 39.37 6.29
CA ASN D 224 -0.32 39.39 4.84
C ASN D 224 0.79 38.59 4.18
N SER D 225 0.43 37.38 3.73
CA SER D 225 1.36 36.45 3.09
C SER D 225 2.57 36.12 3.97
N SER D 226 2.37 36.14 5.29
CA SER D 226 3.45 35.89 6.26
C SER D 226 2.96 34.97 7.38
N ILE D 227 3.88 34.13 7.87
CA ILE D 227 3.60 33.22 8.98
C ILE D 227 4.93 32.86 9.66
N TYR D 228 4.82 32.38 10.90
CA TYR D 228 5.93 31.81 11.68
C TYR D 228 5.48 30.42 12.09
N MET D 229 6.40 29.45 11.96
CA MET D 229 6.08 28.06 12.30
C MET D 229 7.23 27.43 13.08
N ARG D 230 6.89 26.51 13.96
CA ARG D 230 7.89 25.78 14.71
C ARG D 230 7.50 24.32 14.70
N ILE D 231 8.41 23.46 14.28
CA ILE D 231 8.18 22.02 14.26
C ILE D 231 9.19 21.36 15.18
N TYR D 232 8.70 20.40 15.98
CA TYR D 232 9.54 19.69 16.94
C TYR D 232 9.54 18.20 16.63
N PHE D 233 10.68 17.57 16.84
CA PHE D 233 10.81 16.14 16.74
C PHE D 233 11.90 15.62 17.67
N VAL D 234 11.87 14.33 17.95
CA VAL D 234 12.91 13.73 18.75
C VAL D 234 14.01 13.19 17.85
N ASN D 235 15.22 13.71 18.02
CA ASN D 235 16.34 13.30 17.17
C ASN D 235 17.10 12.13 17.78
N SER D 236 18.07 11.62 17.05
CA SER D 236 18.81 10.42 17.47
C SER D 236 19.73 10.66 18.67
N ASP D 237 19.85 11.94 19.09
CA ASP D 237 20.58 12.32 20.30
C ASP D 237 19.72 12.28 21.54
N ASN D 238 18.49 11.79 21.39
CA ASN D 238 17.56 11.72 22.53
C ASN D 238 17.23 13.10 23.09
N THR D 239 17.00 14.03 22.19
CA THR D 239 16.58 15.38 22.54
C THR D 239 15.50 15.79 21.57
N ILE D 240 14.67 16.77 21.98
CA ILE D 240 13.77 17.45 21.08
C ILE D 240 14.61 18.46 20.31
N TRP D 241 14.48 18.45 19.01
CA TRP D 241 14.99 19.48 18.12
C TRP D 241 13.83 20.32 17.63
N GLN D 242 14.15 21.56 17.26
CA GLN D 242 13.21 22.53 16.71
C GLN D 242 13.66 22.93 15.33
N VAL D 243 12.70 23.01 14.41
CA VAL D 243 12.90 23.53 13.06
C VAL D 243 12.05 24.79 12.97
N CYS D 244 12.68 25.88 12.52
CA CYS D 244 12.02 27.19 12.44
C CYS D 244 11.70 27.62 11.02
N TRP D 245 10.46 28.06 10.80
CA TRP D 245 10.10 28.88 9.65
C TRP D 245 9.86 30.30 10.18
N ASP D 246 10.65 31.26 9.72
CA ASP D 246 10.39 32.66 10.00
C ASP D 246 10.15 33.41 8.70
N HIS D 247 9.14 34.26 8.70
CA HIS D 247 8.77 35.00 7.51
C HIS D 247 9.99 35.71 6.95
N GLY D 248 10.22 35.57 5.65
CA GLY D 248 11.33 36.25 4.97
C GLY D 248 12.63 35.49 5.03
N LYS D 249 12.74 34.57 5.98
CA LYS D 249 13.91 33.72 6.13
C LYS D 249 13.64 32.29 5.65
N GLY D 250 12.40 31.85 5.73
CA GLY D 250 12.06 30.48 5.34
C GLY D 250 12.51 29.51 6.41
N TYR D 251 12.77 28.28 5.99
CA TYR D 251 13.30 27.24 6.90
C TYR D 251 14.78 27.49 7.10
N HIS D 252 15.09 28.40 8.03
CA HIS D 252 16.44 28.95 8.14
C HIS D 252 17.22 28.47 9.35
N ASP D 253 16.58 27.72 10.26
CA ASP D 253 17.34 27.23 11.39
C ASP D 253 16.75 26.01 12.04
N LYS D 254 17.64 25.25 12.68
CA LYS D 254 17.25 24.07 13.42
C LYS D 254 18.25 23.86 14.52
N GLY D 255 17.82 23.26 15.62
CA GLY D 255 18.71 23.03 16.74
C GLY D 255 18.05 22.27 17.86
N THR D 256 18.86 21.68 18.74
CA THR D 256 18.31 21.00 19.89
C THR D 256 17.67 21.98 20.86
N ILE D 257 16.69 21.48 21.59
CA ILE D 257 15.91 22.24 22.58
C ILE D 257 16.16 21.69 23.97
N THR D 258 15.86 20.40 24.17
CA THR D 258 15.92 19.83 25.52
C THR D 258 15.97 18.30 25.48
N PRO D 259 16.67 17.65 26.44
CA PRO D 259 16.72 16.19 26.43
C PRO D 259 15.38 15.55 26.80
N VAL D 260 15.14 14.35 26.28
CA VAL D 260 13.92 13.59 26.60
C VAL D 260 14.35 12.15 26.81
N ILE D 261 13.46 11.36 27.39
CA ILE D 261 13.69 9.93 27.42
C ILE D 261 13.67 9.42 26.00
N GLN D 262 14.36 8.30 25.81
CA GLN D 262 14.27 7.58 24.55
C GLN D 262 12.81 7.34 24.20
N GLY D 263 12.40 7.75 23.00
CA GLY D 263 11.06 7.55 22.51
C GLY D 263 9.94 8.39 23.15
N SER D 264 10.29 9.49 23.78
CA SER D 264 9.28 10.43 24.27
C SER D 264 8.41 10.93 23.14
N GLU D 265 7.15 11.16 23.46
CA GLU D 265 6.28 11.93 22.64
C GLU D 265 6.43 13.42 23.01
N VAL D 266 5.78 14.26 22.22
CA VAL D 266 5.99 15.69 22.30
C VAL D 266 4.70 16.42 21.95
N ALA D 267 4.35 17.44 22.74
CA ALA D 267 3.29 18.38 22.34
C ALA D 267 3.78 19.82 22.43
N ILE D 268 3.23 20.68 21.57
CA ILE D 268 3.59 22.11 21.52
C ILE D 268 2.32 22.94 21.46
N ILE D 269 2.31 24.02 22.24
CA ILE D 269 1.34 25.09 22.12
C ILE D 269 2.06 26.46 22.04
N SER D 270 1.35 27.44 21.53
CA SER D 270 1.87 28.79 21.43
C SER D 270 0.77 29.85 21.50
N TRP D 271 1.17 31.05 21.91
CA TRP D 271 0.27 32.20 21.86
C TRP D 271 1.06 33.49 21.65
N GLY D 272 0.38 34.55 21.20
CA GLY D 272 1.02 35.83 20.90
C GLY D 272 1.81 35.84 19.59
N SER D 273 2.65 36.86 19.45
CA SER D 273 3.44 37.05 18.23
C SER D 273 4.62 37.97 18.51
N PHE D 274 5.62 37.90 17.63
CA PHE D 274 6.79 38.77 17.72
C PHE D 274 6.36 40.23 17.81
N ALA D 275 5.45 40.61 16.90
CA ALA D 275 4.96 41.99 16.80
C ALA D 275 4.63 42.63 18.16
N ASN D 276 4.25 41.83 19.14
CA ASN D 276 4.06 42.39 20.46
C ASN D 276 4.35 41.48 21.64
N ASN D 277 5.63 41.38 21.97
CA ASN D 277 6.06 40.82 23.26
C ASN D 277 5.83 39.30 23.41
N GLY D 278 5.48 38.63 22.33
CA GLY D 278 5.47 37.18 22.28
C GLY D 278 6.48 36.74 21.24
N PRO D 279 6.35 35.51 20.77
CA PRO D 279 5.35 34.55 21.21
C PRO D 279 5.74 33.93 22.54
N ASP D 280 4.81 33.19 23.11
CA ASP D 280 5.11 32.25 24.17
C ASP D 280 5.03 30.84 23.57
N LEU D 281 5.96 29.96 23.94
CA LEU D 281 5.93 28.54 23.50
C LEU D 281 5.96 27.68 24.75
N ARG D 282 5.23 26.56 24.72
CA ARG D 282 5.31 25.55 25.75
C ARG D 282 5.38 24.18 25.09
N LEU D 283 6.38 23.40 25.49
CA LEU D 283 6.51 21.98 25.11
C LEU D 283 6.23 21.08 26.30
N TYR D 284 5.63 19.92 26.01
CA TYR D 284 5.37 18.88 26.99
C TYR D 284 5.93 17.58 26.45
N PHE D 285 6.52 16.80 27.35
CA PHE D 285 7.33 15.65 26.98
C PHE D 285 7.69 14.91 28.26
N GLN D 286 8.37 13.78 28.11
CA GLN D 286 8.95 13.07 29.23
C GLN D 286 10.47 13.12 29.14
N ASN D 287 11.11 13.55 30.23
CA ASN D 287 12.58 13.56 30.31
C ASN D 287 13.17 12.76 31.45
N GLY D 288 12.31 12.01 32.16
CA GLY D 288 12.75 11.12 33.23
C GLY D 288 12.47 11.67 34.62
N THR D 289 11.86 12.84 34.69
CA THR D 289 11.54 13.43 36.00
C THR D 289 10.57 12.49 36.70
N TYR D 290 10.90 12.09 37.92
CA TYR D 290 10.13 11.10 38.66
C TYR D 290 9.86 9.85 37.81
N ILE D 291 10.85 9.54 36.96
CA ILE D 291 10.78 8.45 35.98
C ILE D 291 9.83 8.71 34.82
N SER D 292 8.53 8.82 35.12
CA SER D 292 7.47 8.83 34.15
C SER D 292 6.62 10.12 34.14
N ALA D 293 7.00 11.15 34.90
CA ALA D 293 6.21 12.40 34.92
C ALA D 293 6.38 13.11 33.58
N VAL D 294 5.37 13.91 33.23
CA VAL D 294 5.45 14.83 32.10
C VAL D 294 6.10 16.13 32.59
N SER D 295 7.02 16.65 31.78
CA SER D 295 7.72 17.91 32.04
C SER D 295 7.38 18.95 30.97
N GLU D 296 7.68 20.21 31.32
CA GLU D 296 7.44 21.37 30.48
C GLU D 296 8.74 22.10 30.15
N TRP D 297 8.80 22.62 28.92
CA TRP D 297 9.78 23.61 28.52
C TRP D 297 9.04 24.88 28.09
N VAL D 298 9.71 26.00 28.29
CA VAL D 298 9.14 27.32 28.10
C VAL D 298 10.04 28.16 27.21
N TRP D 299 9.41 28.91 26.30
CA TRP D 299 10.10 30.03 25.69
C TRP D 299 9.21 31.25 25.82
N ASN D 300 9.81 32.34 26.29
CA ASN D 300 9.17 33.66 26.17
C ASN D 300 10.22 34.75 25.92
N ARG D 301 9.75 35.96 25.66
CA ARG D 301 10.65 37.09 25.41
C ARG D 301 11.46 37.46 26.66
N ALA D 302 10.86 37.35 27.83
CA ALA D 302 11.52 37.69 29.10
C ALA D 302 12.85 36.94 29.30
N HIS D 303 12.76 35.61 29.34
CA HIS D 303 13.93 34.78 29.69
C HIS D 303 14.38 33.79 28.62
N GLY D 304 13.74 33.78 27.46
CA GLY D 304 14.11 32.81 26.42
C GLY D 304 13.82 31.38 26.82
N SER D 305 14.70 30.47 26.42
CA SER D 305 14.55 29.02 26.60
C SER D 305 14.81 28.62 28.05
N GLN D 306 13.83 28.00 28.71
CA GLN D 306 14.00 27.55 30.10
C GLN D 306 13.11 26.33 30.35
N LEU D 307 13.56 25.43 31.21
CA LEU D 307 12.67 24.38 31.70
C LEU D 307 11.59 24.99 32.59
N GLY D 308 10.36 24.57 32.38
CA GLY D 308 9.23 25.05 33.18
C GLY D 308 8.86 24.06 34.28
N ARG D 309 7.57 23.81 34.43
CA ARG D 309 7.08 22.84 35.40
C ARG D 309 7.83 21.51 35.25
N SER D 310 8.52 21.12 36.30
CA SER D 310 9.35 19.93 36.30
C SER D 310 8.52 18.64 36.16
N ALA D 311 7.35 18.61 36.82
CA ALA D 311 6.49 17.43 36.83
C ALA D 311 5.04 17.87 36.87
N LEU D 312 4.31 17.65 35.78
CA LEU D 312 2.91 18.04 35.70
C LEU D 312 2.08 17.20 36.67
N PRO D 313 0.96 17.74 37.17
CA PRO D 313 -0.05 16.86 37.81
C PRO D 313 -0.36 15.63 36.95
N PRO D 314 -0.53 14.45 37.58
CA PRO D 314 -0.68 14.19 39.01
C PRO D 314 0.60 13.89 39.76
N ALA D 315 1.76 14.18 39.19
CA ALA D 315 3.02 13.77 39.79
C ALA D 315 3.24 14.43 41.14
#